data_7DHQ
#
_entry.id   7DHQ
#
_cell.length_a   68.074
_cell.length_b   70.876
_cell.length_c   74.975
_cell.angle_alpha   65.900
_cell.angle_beta   63.400
_cell.angle_gamma   77.680
#
_symmetry.space_group_name_H-M   'P 1'
#
loop_
_entity.id
_entity.type
_entity.pdbx_description
1 polymer 'Microcompartments protein'
2 water water
#
_entity_poly.entity_id   1
_entity_poly.type   'polypeptide(L)'
_entity_poly.pdbx_seq_one_letter_code
;MGSSWSHPQFEKSSGMNNIDLRVYSFIDSLQPQLASYLATSSQGFLPVPGDACLWIEVAPGMAVHRLSDIALKATNVRLG
EQVVERAFGSMEIHYRNQSDVLASGEAVLREINHAQEDRLPCRIAWKEIIRAITPDHATLINRQLRKGSMLLPGKSMFIL
ETEPAGYIVQAANEAEKAAHVTLIDVRAFGNFGRLTMMGSEAETEEAMRAAEATIASINARARRAEGF
;
_entity_poly.pdbx_strand_id   A,B,C,D,E,F
#
# COMPACT_ATOMS: atom_id res chain seq x y z
N ASN A 17 14.17 28.83 -20.33
CA ASN A 17 15.15 29.26 -19.35
C ASN A 17 16.53 28.66 -19.61
N ASN A 18 16.86 27.60 -18.87
CA ASN A 18 18.03 26.78 -19.11
C ASN A 18 17.67 25.32 -18.86
N ILE A 19 16.73 24.81 -19.67
CA ILE A 19 16.18 23.47 -19.53
C ILE A 19 16.95 22.55 -20.48
N ASP A 20 17.56 21.50 -19.92
CA ASP A 20 18.29 20.52 -20.71
C ASP A 20 17.31 19.48 -21.20
N LEU A 21 17.22 19.29 -22.51
CA LEU A 21 16.43 18.19 -23.03
C LEU A 21 17.24 16.93 -22.83
N ARG A 22 16.70 15.97 -22.09
CA ARG A 22 17.42 14.72 -21.88
C ARG A 22 16.84 13.54 -22.63
N VAL A 23 15.51 13.40 -22.63
CA VAL A 23 14.81 12.39 -23.42
C VAL A 23 13.71 13.09 -24.21
N TYR A 24 13.74 12.94 -25.53
CA TYR A 24 12.60 13.12 -26.42
C TYR A 24 12.43 11.81 -27.20
N SER A 25 11.30 11.12 -27.02
CA SER A 25 11.09 9.80 -27.59
C SER A 25 9.64 9.64 -27.99
N PHE A 26 9.38 9.34 -29.26
CA PHE A 26 8.05 9.42 -29.85
C PHE A 26 7.67 8.06 -30.41
N ILE A 27 6.54 7.53 -29.94
CA ILE A 27 5.91 6.33 -30.48
C ILE A 27 4.66 6.75 -31.24
N ASP A 28 4.56 6.36 -32.51
CA ASP A 28 3.43 6.76 -33.35
C ASP A 28 2.18 5.93 -33.09
N SER A 29 2.35 4.67 -32.71
CA SER A 29 1.19 3.84 -32.34
C SER A 29 1.65 2.83 -31.30
N LEU A 30 1.02 2.86 -30.12
CA LEU A 30 1.42 1.98 -29.03
C LEU A 30 1.00 0.56 -29.32
N GLN A 31 1.94 -0.38 -29.16
CA GLN A 31 1.60 -1.79 -29.28
C GLN A 31 0.60 -2.17 -28.17
N PRO A 32 -0.16 -3.23 -28.39
CA PRO A 32 -1.28 -3.53 -27.46
C PRO A 32 -0.85 -3.93 -26.05
N GLN A 33 0.16 -4.79 -25.91
CA GLN A 33 0.61 -5.11 -24.57
C GLN A 33 1.23 -3.91 -23.90
N LEU A 34 1.99 -3.11 -24.67
CA LEU A 34 2.65 -1.94 -24.10
C LEU A 34 1.63 -0.91 -23.64
N ALA A 35 0.60 -0.65 -24.43
CA ALA A 35 -0.40 0.31 -23.99
C ALA A 35 -1.14 -0.21 -22.77
N SER A 36 -1.50 -1.50 -22.80
CA SER A 36 -2.18 -2.12 -21.66
C SER A 36 -1.35 -1.98 -20.39
N TYR A 37 -0.03 -2.15 -20.50
CA TYR A 37 0.85 -1.98 -19.36
C TYR A 37 0.83 -0.53 -18.88
N LEU A 38 0.95 0.42 -19.80
CA LEU A 38 0.93 1.81 -19.37
C LEU A 38 -0.41 2.16 -18.74
N ALA A 39 -1.51 1.71 -19.34
CA ALA A 39 -2.84 1.96 -18.76
C ALA A 39 -2.91 1.48 -17.32
N THR A 40 -2.45 0.25 -17.06
CA THR A 40 -2.61 -0.32 -15.72
C THR A 40 -1.64 0.33 -14.72
N SER A 41 -0.45 0.69 -15.17
CA SER A 41 0.57 1.18 -14.26
C SER A 41 0.55 2.69 -14.06
N SER A 42 -0.16 3.45 -14.91
CA SER A 42 0.00 4.89 -14.98
C SER A 42 -0.85 5.63 -13.93
N GLN A 43 -0.25 6.66 -13.35
CA GLN A 43 -0.97 7.49 -12.38
C GLN A 43 -1.83 8.57 -13.04
N GLY A 44 -1.72 8.76 -14.37
CA GLY A 44 -2.49 9.77 -15.07
C GLY A 44 -3.60 9.25 -15.97
N PHE A 45 -3.92 9.99 -17.03
CA PHE A 45 -5.01 9.63 -17.93
C PHE A 45 -4.58 8.53 -18.88
N LEU A 46 -5.47 7.61 -19.13
CA LEU A 46 -4.93 6.36 -19.60
C LEU A 46 -4.88 6.28 -21.13
N PRO A 47 -3.85 5.65 -21.69
CA PRO A 47 -3.83 5.38 -23.12
C PRO A 47 -4.48 4.04 -23.45
N VAL A 48 -4.73 3.83 -24.73
CA VAL A 48 -5.25 2.57 -25.23
C VAL A 48 -4.41 2.17 -26.44
N PRO A 49 -4.47 0.93 -26.91
CA PRO A 49 -3.65 0.56 -28.08
C PRO A 49 -3.96 1.46 -29.26
N GLY A 50 -2.91 1.90 -29.94
CA GLY A 50 -3.06 2.72 -31.12
C GLY A 50 -2.84 4.20 -30.88
N ASP A 51 -2.93 4.65 -29.64
CA ASP A 51 -2.63 6.05 -29.33
C ASP A 51 -1.18 6.37 -29.70
N ALA A 52 -0.97 7.53 -30.30
CA ALA A 52 0.38 8.05 -30.35
C ALA A 52 0.84 8.45 -28.94
N CYS A 53 2.14 8.72 -28.80
CA CYS A 53 2.73 8.80 -27.47
C CYS A 53 4.04 9.56 -27.55
N LEU A 54 4.24 10.52 -26.66
CA LEU A 54 5.50 11.25 -26.55
C LEU A 54 6.01 11.19 -25.12
N TRP A 55 7.21 10.68 -24.95
CA TRP A 55 7.90 10.65 -23.67
C TRP A 55 8.99 11.70 -23.68
N ILE A 56 9.13 12.42 -22.56
CA ILE A 56 10.07 13.52 -22.45
C ILE A 56 10.70 13.51 -21.07
N GLU A 57 12.02 13.73 -21.03
CA GLU A 57 12.71 14.01 -19.78
C GLU A 57 13.52 15.28 -19.96
N VAL A 58 13.34 16.21 -19.03
CA VAL A 58 14.03 17.50 -19.04
C VAL A 58 14.72 17.68 -17.71
N ALA A 59 15.71 18.58 -17.70
CA ALA A 59 16.26 19.06 -16.45
C ALA A 59 16.27 20.58 -16.47
N PRO A 60 15.91 21.24 -15.37
CA PRO A 60 15.57 20.62 -14.08
C PRO A 60 14.21 19.95 -14.10
N GLY A 61 13.97 19.13 -13.09
CA GLY A 61 12.72 18.39 -13.05
C GLY A 61 11.50 19.28 -13.01
N MET A 62 11.55 20.33 -12.18
CA MET A 62 10.37 21.18 -11.95
C MET A 62 9.82 21.78 -13.24
N ALA A 63 10.65 21.91 -14.27
CA ALA A 63 10.22 22.42 -15.56
C ALA A 63 9.16 21.55 -16.23
N VAL A 64 8.91 20.34 -15.71
CA VAL A 64 7.91 19.47 -16.32
C VAL A 64 6.52 20.07 -16.19
N HIS A 65 6.29 20.90 -15.16
CA HIS A 65 4.99 21.50 -14.93
C HIS A 65 4.63 22.50 -16.02
N ARG A 66 5.50 23.50 -16.23
CA ARG A 66 5.26 24.49 -17.28
C ARG A 66 5.09 23.81 -18.64
N LEU A 67 5.98 22.86 -18.96
CA LEU A 67 5.92 22.20 -20.26
C LEU A 67 4.63 21.41 -20.41
N SER A 68 4.23 20.68 -19.36
CA SER A 68 2.99 19.92 -19.45
C SER A 68 1.81 20.84 -19.72
N ASP A 69 1.80 22.01 -19.08
CA ASP A 69 0.70 22.96 -19.29
C ASP A 69 0.71 23.49 -20.71
N ILE A 70 1.91 23.73 -21.25
CA ILE A 70 2.03 24.17 -22.63
C ILE A 70 1.54 23.09 -23.58
N ALA A 71 1.98 21.84 -23.36
CA ALA A 71 1.58 20.75 -24.24
C ALA A 71 0.08 20.54 -24.18
N LEU A 72 -0.51 20.61 -22.99
CA LEU A 72 -1.91 20.22 -22.85
C LEU A 72 -2.86 21.25 -23.45
N LYS A 73 -2.43 22.49 -23.52
CA LYS A 73 -3.25 23.54 -24.06
C LYS A 73 -3.27 23.64 -25.57
N ALA A 74 -2.18 23.25 -26.19
CA ALA A 74 -2.03 23.32 -27.63
C ALA A 74 -2.85 22.40 -28.40
N THR A 75 -3.07 21.25 -27.86
CA THR A 75 -3.77 20.26 -28.57
C THR A 75 -4.75 19.55 -27.69
N ASN A 76 -5.35 18.52 -28.23
CA ASN A 76 -6.26 17.73 -27.44
C ASN A 76 -5.54 16.62 -26.72
N VAL A 77 -4.21 16.65 -26.72
CA VAL A 77 -3.41 15.64 -26.07
C VAL A 77 -3.68 15.47 -24.57
N ARG A 78 -3.54 14.27 -24.06
CA ARG A 78 -3.77 13.99 -22.65
C ARG A 78 -2.49 13.66 -21.92
N LEU A 79 -2.37 14.04 -20.66
CA LEU A 79 -1.16 13.82 -19.87
C LEU A 79 -1.16 12.43 -19.22
N GLY A 80 -0.12 11.64 -19.50
CA GLY A 80 -0.04 10.31 -18.94
C GLY A 80 0.88 10.13 -17.75
N GLU A 81 1.97 10.88 -17.71
CA GLU A 81 2.95 10.74 -16.65
C GLU A 81 3.52 12.10 -16.34
N GLN A 82 3.86 12.31 -15.08
CA GLN A 82 4.53 13.54 -14.66
C GLN A 82 5.25 13.29 -13.34
N VAL A 83 6.57 13.40 -13.34
CA VAL A 83 7.33 13.06 -12.16
C VAL A 83 8.57 13.96 -12.09
N VAL A 84 8.82 14.49 -10.90
CA VAL A 84 9.99 15.31 -10.58
C VAL A 84 10.95 14.46 -9.73
N GLU A 85 12.08 14.02 -10.32
CA GLU A 85 13.10 13.26 -9.60
C GLU A 85 14.17 14.24 -9.10
N ARG A 86 15.32 13.73 -8.64
CA ARG A 86 16.32 14.62 -8.04
C ARG A 86 16.87 15.56 -9.10
N ALA A 87 17.55 15.01 -10.10
CA ALA A 87 18.23 15.84 -11.08
C ALA A 87 17.35 16.23 -12.28
N PHE A 88 16.19 15.59 -12.47
CA PHE A 88 15.44 15.73 -13.72
C PHE A 88 13.98 15.38 -13.47
N GLY A 89 13.16 15.59 -14.50
CA GLY A 89 11.75 15.23 -14.43
C GLY A 89 11.30 14.58 -15.71
N SER A 90 10.19 13.85 -15.62
CA SER A 90 9.62 13.11 -16.74
C SER A 90 8.15 13.47 -16.92
N MET A 91 7.72 13.53 -18.19
CA MET A 91 6.34 13.73 -18.56
C MET A 91 6.06 12.89 -19.81
N GLU A 92 4.81 12.48 -19.95
CA GLU A 92 4.42 11.72 -21.12
C GLU A 92 3.03 12.14 -21.52
N ILE A 93 2.84 12.42 -22.81
CA ILE A 93 1.53 12.74 -23.36
C ILE A 93 1.13 11.68 -24.38
N HIS A 94 -0.16 11.62 -24.66
CA HIS A 94 -0.66 10.57 -25.53
C HIS A 94 -2.03 10.96 -26.06
N TYR A 95 -2.26 10.67 -27.34
CA TYR A 95 -3.54 10.97 -27.95
C TYR A 95 -3.82 9.97 -29.07
N ARG A 96 -5.11 9.74 -29.31
CA ARG A 96 -5.56 8.86 -30.38
C ARG A 96 -4.87 9.12 -31.71
N ASN A 97 -4.53 10.37 -32.01
CA ASN A 97 -4.01 10.73 -33.32
C ASN A 97 -2.60 11.26 -33.22
N GLN A 98 -1.74 10.78 -34.11
CA GLN A 98 -0.34 11.23 -34.16
C GLN A 98 -0.23 12.74 -34.07
N SER A 99 -1.12 13.45 -34.77
CA SER A 99 -0.94 14.88 -35.03
C SER A 99 -0.78 15.67 -33.73
N ASP A 100 -1.74 15.55 -32.82
CA ASP A 100 -1.72 16.33 -31.59
C ASP A 100 -0.42 16.13 -30.81
N VAL A 101 0.05 14.88 -30.77
CA VAL A 101 1.24 14.55 -29.99
C VAL A 101 2.46 15.30 -30.51
N LEU A 102 2.66 15.27 -31.84
CA LEU A 102 3.79 15.99 -32.41
C LEU A 102 3.60 17.49 -32.34
N ALA A 103 2.36 17.95 -32.48
CA ALA A 103 2.08 19.37 -32.37
C ALA A 103 2.39 19.87 -30.97
N SER A 104 2.02 19.11 -29.93
CA SER A 104 2.42 19.48 -28.56
C SER A 104 3.92 19.32 -28.36
N GLY A 105 4.52 18.27 -28.92
CA GLY A 105 5.97 18.12 -28.86
C GLY A 105 6.71 19.33 -29.38
N GLU A 106 6.30 19.86 -30.54
CA GLU A 106 6.93 21.06 -31.06
C GLU A 106 6.86 22.19 -30.04
N ALA A 107 5.68 22.41 -29.46
CA ALA A 107 5.53 23.47 -28.45
C ALA A 107 6.57 23.32 -27.35
N VAL A 108 6.72 22.11 -26.81
CA VAL A 108 7.69 21.87 -25.75
C VAL A 108 9.11 22.18 -26.22
N LEU A 109 9.48 21.73 -27.42
CA LEU A 109 10.82 22.04 -27.91
C LEU A 109 11.00 23.53 -28.14
N ARG A 110 9.98 24.20 -28.69
CA ARG A 110 10.13 25.61 -28.99
C ARG A 110 10.25 26.43 -27.70
N GLU A 111 9.59 25.98 -26.62
CA GLU A 111 9.72 26.70 -25.38
C GLU A 111 11.10 26.52 -24.76
N ILE A 112 11.69 25.33 -24.87
CA ILE A 112 13.01 25.13 -24.25
C ILE A 112 14.14 25.47 -25.21
N ASN A 113 13.81 25.86 -26.44
CA ASN A 113 14.77 26.15 -27.51
C ASN A 113 15.77 25.01 -27.67
N HIS A 114 15.22 23.83 -27.95
CA HIS A 114 16.03 22.66 -28.24
C HIS A 114 15.48 21.95 -29.45
N ALA A 115 16.38 21.35 -30.20
CA ALA A 115 15.94 20.50 -31.25
C ALA A 115 15.85 19.13 -30.61
N GLN A 116 15.19 18.19 -31.25
CA GLN A 116 15.10 16.84 -30.74
C GLN A 116 16.44 16.24 -30.63
N GLU A 117 17.27 16.41 -31.63
CA GLU A 117 18.62 15.91 -31.59
C GLU A 117 19.48 16.31 -30.41
N ASP A 118 19.11 17.36 -29.70
CA ASP A 118 19.90 17.82 -28.57
C ASP A 118 19.70 16.86 -27.42
N ARG A 119 18.86 15.84 -27.63
CA ARG A 119 18.62 14.81 -26.64
C ARG A 119 19.81 13.96 -26.34
N LEU A 120 19.75 13.30 -25.21
CA LEU A 120 20.84 12.48 -24.85
C LEU A 120 20.79 11.15 -25.62
N PRO A 121 21.94 10.52 -25.97
CA PRO A 121 21.84 9.18 -26.57
C PRO A 121 21.32 8.16 -25.59
N CYS A 122 21.29 6.88 -25.96
CA CYS A 122 20.68 5.85 -25.12
C CYS A 122 21.70 4.74 -24.85
N ARG A 123 22.34 4.78 -23.69
CA ARG A 123 23.27 3.73 -23.32
C ARG A 123 22.53 2.42 -23.10
N ILE A 124 23.10 1.32 -23.56
CA ILE A 124 22.60 -0.01 -23.22
C ILE A 124 23.44 -0.53 -22.06
N ALA A 125 22.91 -0.41 -20.83
CA ALA A 125 23.65 -0.85 -19.67
C ALA A 125 23.51 -2.34 -19.42
N TRP A 126 22.48 -2.98 -19.97
CA TRP A 126 22.37 -4.43 -19.90
C TRP A 126 21.43 -4.93 -20.98
N LYS A 127 21.87 -5.95 -21.71
CA LYS A 127 21.00 -6.62 -22.68
C LYS A 127 21.35 -8.10 -22.66
N GLU A 128 20.33 -8.94 -22.53
CA GLU A 128 20.57 -10.35 -22.28
C GLU A 128 19.29 -11.17 -22.48
N ILE A 129 19.45 -12.33 -23.13
CA ILE A 129 18.45 -13.39 -23.11
C ILE A 129 18.89 -14.39 -22.06
N ILE A 130 17.96 -14.83 -21.23
CA ILE A 130 18.18 -15.89 -20.24
C ILE A 130 17.20 -16.98 -20.61
N ARG A 131 17.71 -18.16 -20.97
CA ARG A 131 16.80 -19.25 -21.41
C ARG A 131 16.40 -20.14 -20.23
N ALA A 132 15.24 -20.80 -20.33
CA ALA A 132 14.77 -21.76 -19.31
C ALA A 132 14.69 -21.19 -17.89
N ILE A 133 14.07 -20.03 -17.71
CA ILE A 133 13.92 -19.39 -16.37
C ILE A 133 13.41 -20.41 -15.34
N THR A 134 14.11 -20.57 -14.21
CA THR A 134 13.64 -21.41 -13.13
C THR A 134 12.31 -20.90 -12.58
N PRO A 135 11.53 -21.79 -11.90
CA PRO A 135 10.33 -21.21 -11.27
C PRO A 135 10.58 -20.28 -10.09
N ASP A 136 11.78 -20.24 -9.58
CA ASP A 136 12.09 -19.39 -8.46
C ASP A 136 12.43 -18.03 -8.94
N HIS A 137 13.12 -17.94 -10.04
CA HIS A 137 13.46 -16.66 -10.62
C HIS A 137 12.19 -16.00 -11.11
N ALA A 138 11.32 -16.78 -11.70
CA ALA A 138 10.10 -16.27 -12.17
C ALA A 138 9.24 -15.80 -11.10
N THR A 139 9.17 -16.54 -10.01
CA THR A 139 8.31 -16.16 -8.90
C THR A 139 8.78 -14.83 -8.36
N LEU A 140 10.10 -14.70 -8.21
CA LEU A 140 10.66 -13.46 -7.71
C LEU A 140 10.39 -12.20 -8.52
N ILE A 141 10.48 -12.28 -9.82
CA ILE A 141 10.19 -11.17 -10.65
C ILE A 141 8.70 -10.86 -10.59
N ASN A 142 7.90 -11.88 -10.41
CA ASN A 142 6.46 -11.71 -10.40
C ASN A 142 5.85 -11.18 -9.13
N ARG A 143 6.57 -11.23 -8.03
CA ARG A 143 6.10 -10.71 -6.79
C ARG A 143 6.58 -9.32 -6.52
N GLN A 144 7.49 -8.82 -7.33
CA GLN A 144 8.15 -7.57 -6.98
C GLN A 144 7.66 -6.44 -7.89
N LEU A 145 6.52 -5.86 -7.49
CA LEU A 145 5.92 -4.70 -8.15
C LEU A 145 5.76 -4.97 -9.66
N ARG A 146 5.29 -6.17 -9.97
CA ARG A 146 5.07 -6.60 -11.34
C ARG A 146 3.65 -6.20 -11.73
N LYS A 147 3.54 -5.28 -12.69
CA LYS A 147 2.25 -4.78 -13.13
C LYS A 147 1.85 -5.36 -14.48
N GLY A 148 2.77 -6.00 -15.21
CA GLY A 148 2.42 -6.61 -16.48
C GLY A 148 1.88 -8.03 -16.42
N SER A 149 2.39 -8.89 -17.29
CA SER A 149 1.96 -10.28 -17.32
C SER A 149 2.92 -11.15 -16.49
N MET A 150 2.49 -12.38 -16.25
CA MET A 150 3.25 -13.30 -15.43
C MET A 150 4.39 -13.92 -16.22
N LEU A 151 5.61 -13.72 -15.74
CA LEU A 151 6.77 -14.46 -16.25
C LEU A 151 6.64 -15.93 -15.87
N LEU A 152 6.76 -16.79 -16.84
CA LEU A 152 6.48 -18.17 -16.48
C LEU A 152 7.77 -18.97 -16.53
N PRO A 153 7.89 -20.00 -15.69
CA PRO A 153 9.11 -20.81 -15.68
C PRO A 153 9.24 -21.60 -16.98
N GLY A 154 10.50 -21.84 -17.37
CA GLY A 154 10.88 -22.54 -18.57
C GLY A 154 11.09 -21.66 -19.79
N LYS A 155 10.37 -20.54 -19.87
CA LYS A 155 10.42 -19.66 -21.03
C LYS A 155 11.69 -18.82 -21.03
N SER A 156 11.91 -18.08 -22.10
CA SER A 156 13.13 -17.29 -22.22
C SER A 156 12.85 -15.88 -21.77
N MET A 157 13.91 -15.14 -21.51
CA MET A 157 13.75 -13.83 -20.90
C MET A 157 14.67 -12.85 -21.61
N PHE A 158 14.07 -11.91 -22.33
CA PHE A 158 14.75 -10.68 -22.70
C PHE A 158 14.72 -9.75 -21.51
N ILE A 159 15.88 -9.26 -21.09
CA ILE A 159 16.00 -8.17 -20.13
C ILE A 159 16.91 -7.11 -20.72
N LEU A 160 16.57 -5.85 -20.52
CA LEU A 160 17.30 -4.75 -21.11
C LEU A 160 17.31 -3.60 -20.11
N GLU A 161 18.39 -2.83 -20.12
CA GLU A 161 18.49 -1.71 -19.20
C GLU A 161 19.18 -0.57 -19.93
N THR A 162 18.60 0.64 -19.85
CA THR A 162 19.13 1.81 -20.53
C THR A 162 19.41 2.96 -19.57
N GLU A 163 20.18 3.92 -20.07
CA GLU A 163 20.42 5.20 -19.35
C GLU A 163 20.55 6.23 -20.48
N PRO A 164 19.60 7.16 -20.70
CA PRO A 164 18.46 7.46 -19.83
C PRO A 164 17.29 6.48 -19.85
N ALA A 165 16.40 6.61 -18.87
CA ALA A 165 15.31 5.64 -18.69
C ALA A 165 14.13 5.81 -19.64
N GLY A 166 13.84 7.04 -20.08
CA GLY A 166 12.64 7.26 -20.85
C GLY A 166 12.60 6.46 -22.12
N TYR A 167 13.77 6.22 -22.73
CA TYR A 167 13.84 5.48 -23.98
C TYR A 167 13.30 4.05 -23.88
N ILE A 168 13.15 3.48 -22.69
CA ILE A 168 12.80 2.06 -22.58
C ILE A 168 11.41 1.81 -23.17
N VAL A 169 10.54 2.82 -23.13
CA VAL A 169 9.17 2.70 -23.65
C VAL A 169 9.20 2.46 -25.16
N GLN A 170 9.98 3.27 -25.88
CA GLN A 170 10.02 3.08 -27.33
C GLN A 170 10.71 1.78 -27.69
N ALA A 171 11.82 1.46 -27.01
CA ALA A 171 12.46 0.17 -27.17
C ALA A 171 11.47 -0.96 -26.93
N ALA A 172 10.76 -0.88 -25.80
CA ALA A 172 9.73 -1.86 -25.49
C ALA A 172 8.69 -1.99 -26.61
N ASN A 173 8.31 -0.87 -27.22
CA ASN A 173 7.28 -0.89 -28.25
C ASN A 173 7.77 -1.66 -29.49
N GLU A 174 8.99 -1.36 -29.95
CA GLU A 174 9.52 -2.02 -31.14
C GLU A 174 9.78 -3.50 -30.87
N ALA A 175 10.24 -3.84 -29.66
CA ALA A 175 10.34 -5.24 -29.28
C ALA A 175 9.02 -5.96 -29.51
N GLU A 176 7.93 -5.46 -28.93
CA GLU A 176 6.64 -6.13 -29.07
C GLU A 176 6.18 -6.19 -30.51
N LYS A 177 6.38 -5.10 -31.27
CA LYS A 177 5.89 -5.04 -32.64
C LYS A 177 6.61 -6.05 -33.53
N ALA A 178 7.87 -6.31 -33.24
CA ALA A 178 8.74 -7.13 -34.06
C ALA A 178 8.77 -8.61 -33.69
N ALA A 179 8.26 -8.97 -32.50
CA ALA A 179 8.42 -10.32 -31.98
C ALA A 179 7.17 -10.70 -31.20
N HIS A 180 6.77 -11.96 -31.32
CA HIS A 180 5.62 -12.51 -30.60
C HIS A 180 6.01 -12.81 -29.13
N VAL A 181 6.29 -11.74 -28.38
CA VAL A 181 6.79 -11.82 -27.02
C VAL A 181 5.68 -11.39 -26.05
N THR A 182 5.88 -11.67 -24.77
CA THR A 182 4.95 -11.22 -23.74
C THR A 182 5.66 -10.23 -22.82
N LEU A 183 5.01 -9.07 -22.63
CA LEU A 183 5.56 -8.00 -21.80
C LEU A 183 5.36 -8.32 -20.32
N ILE A 184 6.46 -8.31 -19.57
CA ILE A 184 6.44 -8.59 -18.14
C ILE A 184 6.49 -7.31 -17.31
N ASP A 185 7.40 -6.37 -17.63
CA ASP A 185 7.53 -5.20 -16.76
C ASP A 185 8.33 -4.08 -17.44
N VAL A 186 7.83 -2.85 -17.43
CA VAL A 186 8.53 -1.68 -17.99
C VAL A 186 8.72 -0.64 -16.88
N ARG A 187 9.96 -0.44 -16.45
CA ARG A 187 10.28 0.56 -15.44
C ARG A 187 10.93 1.74 -16.15
N ALA A 188 10.19 2.83 -16.31
CA ALA A 188 10.58 3.94 -17.17
C ALA A 188 11.05 5.16 -16.39
N PHE A 189 11.19 5.06 -15.07
CA PHE A 189 11.51 6.22 -14.26
C PHE A 189 12.85 6.02 -13.57
N GLY A 190 13.32 7.08 -12.92
CA GLY A 190 14.64 7.06 -12.34
C GLY A 190 15.71 7.18 -13.41
N ASN A 191 16.94 6.88 -12.98
CA ASN A 191 18.09 7.04 -13.86
C ASN A 191 18.22 5.93 -14.90
N PHE A 192 17.50 4.82 -14.74
CA PHE A 192 17.75 3.61 -15.50
C PHE A 192 16.43 2.95 -15.86
N GLY A 193 16.13 2.86 -17.16
CA GLY A 193 14.97 2.12 -17.61
C GLY A 193 15.26 0.65 -17.69
N ARG A 194 14.22 -0.16 -17.49
CA ARG A 194 14.38 -1.63 -17.47
C ARG A 194 13.15 -2.29 -18.06
N LEU A 195 13.40 -3.18 -19.02
CA LEU A 195 12.36 -3.88 -19.75
C LEU A 195 12.58 -5.38 -19.61
N THR A 196 11.52 -6.09 -19.22
CA THR A 196 11.55 -7.53 -19.05
C THR A 196 10.47 -8.14 -19.93
N MET A 197 10.86 -8.99 -20.87
CA MET A 197 9.91 -9.74 -21.67
C MET A 197 10.23 -11.22 -21.59
N MET A 198 9.19 -11.99 -21.90
CA MET A 198 9.17 -13.44 -21.90
C MET A 198 8.80 -13.93 -23.31
N GLY A 199 9.30 -15.10 -23.66
CA GLY A 199 8.93 -15.70 -24.93
C GLY A 199 9.85 -16.86 -25.21
N SER A 200 9.59 -17.53 -26.33
CA SER A 200 10.50 -18.59 -26.75
C SER A 200 11.87 -18.03 -27.05
N GLU A 201 12.87 -18.90 -26.97
CA GLU A 201 14.25 -18.48 -27.25
C GLU A 201 14.34 -17.67 -28.54
N ALA A 202 13.56 -18.03 -29.55
CA ALA A 202 13.64 -17.40 -30.88
C ALA A 202 12.87 -16.07 -30.92
N GLU A 203 11.66 -16.04 -30.37
CA GLU A 203 10.92 -14.80 -30.21
C GLU A 203 11.73 -13.73 -29.48
N THR A 204 12.30 -14.08 -28.31
CA THR A 204 12.98 -13.07 -27.49
C THR A 204 14.22 -12.49 -28.18
N GLU A 205 14.89 -13.27 -29.03
CA GLU A 205 16.05 -12.74 -29.74
C GLU A 205 15.64 -11.79 -30.86
N GLU A 206 14.50 -12.03 -31.49
CA GLU A 206 13.91 -11.04 -32.40
C GLU A 206 13.62 -9.74 -31.63
N ALA A 207 12.94 -9.87 -30.49
CA ALA A 207 12.68 -8.73 -29.63
C ALA A 207 13.96 -7.95 -29.31
N MET A 208 15.03 -8.63 -29.03
CA MET A 208 16.28 -7.98 -28.77
C MET A 208 16.93 -7.21 -29.92
N ARG A 209 16.95 -7.75 -31.12
CA ARG A 209 17.55 -7.09 -32.26
C ARG A 209 16.83 -5.84 -32.60
N ALA A 210 15.52 -5.88 -32.52
CA ALA A 210 14.71 -4.74 -32.81
C ALA A 210 14.97 -3.64 -31.86
N ALA A 211 14.94 -3.94 -30.58
CA ALA A 211 15.24 -2.96 -29.58
C ALA A 211 16.62 -2.44 -29.64
N GLU A 212 17.52 -3.13 -30.30
CA GLU A 212 18.85 -2.69 -30.44
C GLU A 212 18.92 -1.79 -31.65
N ALA A 213 17.99 -1.98 -32.55
CA ALA A 213 17.96 -1.21 -33.76
C ALA A 213 17.23 0.02 -33.43
N THR A 214 16.21 -0.12 -32.64
CA THR A 214 15.55 1.10 -32.19
C THR A 214 16.53 1.97 -31.43
N ILE A 215 17.34 1.36 -30.59
CA ILE A 215 18.33 2.15 -29.89
C ILE A 215 19.36 2.71 -30.86
N ALA A 216 19.77 1.89 -31.85
CA ALA A 216 20.65 2.39 -32.90
C ALA A 216 20.04 3.60 -33.60
N SER A 217 18.77 3.55 -33.93
CA SER A 217 18.10 4.70 -34.51
C SER A 217 18.19 5.98 -33.68
N ILE A 218 17.91 5.92 -32.40
CA ILE A 218 17.97 7.09 -31.55
C ILE A 218 19.35 7.71 -31.47
N ASN A 219 20.37 6.92 -31.37
CA ASN A 219 21.69 7.47 -31.18
C ASN A 219 22.18 8.27 -32.34
N ALA A 220 21.90 7.78 -33.54
CA ALA A 220 22.19 8.54 -34.71
C ALA A 220 21.33 9.75 -34.72
N ARG A 221 20.13 9.68 -34.13
CA ARG A 221 19.17 10.82 -34.13
C ARG A 221 18.68 11.12 -35.54
N ASN B 17 31.54 -11.81 -16.99
CA ASN B 17 31.73 -10.56 -17.74
C ASN B 17 32.84 -9.71 -17.12
N ASN B 18 32.53 -8.44 -16.85
CA ASN B 18 33.32 -7.67 -15.91
C ASN B 18 32.48 -7.43 -14.67
N ILE B 19 31.92 -8.51 -14.14
CA ILE B 19 31.07 -8.44 -12.97
C ILE B 19 31.97 -8.28 -11.76
N ASP B 20 31.53 -7.45 -10.83
CA ASP B 20 32.30 -7.05 -9.66
C ASP B 20 31.73 -7.72 -8.43
N LEU B 21 32.57 -8.30 -7.57
CA LEU B 21 32.07 -8.87 -6.32
C LEU B 21 32.14 -7.89 -5.18
N ARG B 22 30.98 -7.53 -4.67
CA ARG B 22 30.90 -6.54 -3.61
C ARG B 22 30.60 -7.13 -2.26
N VAL B 23 29.67 -8.08 -2.18
CA VAL B 23 29.38 -8.75 -0.94
C VAL B 23 29.27 -10.23 -1.12
N TYR B 24 30.02 -11.01 -0.36
CA TYR B 24 29.85 -12.46 -0.36
C TYR B 24 29.75 -12.77 1.10
N SER B 25 28.57 -13.10 1.55
CA SER B 25 28.34 -13.31 2.98
C SER B 25 27.58 -14.61 3.20
N PHE B 26 28.26 -15.60 3.76
CA PHE B 26 27.69 -16.92 3.98
C PHE B 26 27.32 -17.09 5.45
N ILE B 27 26.10 -17.55 5.72
CA ILE B 27 25.63 -17.82 7.08
C ILE B 27 25.28 -19.31 7.13
N ASP B 28 25.85 -20.06 8.05
CA ASP B 28 25.61 -21.51 8.17
C ASP B 28 24.30 -21.89 8.80
N SER B 29 23.93 -21.20 9.85
CA SER B 29 22.68 -21.47 10.48
C SER B 29 22.00 -20.15 10.75
N LEU B 30 20.81 -20.01 10.25
CA LEU B 30 20.00 -18.82 10.45
C LEU B 30 19.42 -18.83 11.86
N GLN B 31 19.61 -17.73 12.60
CA GLN B 31 19.03 -17.59 13.93
C GLN B 31 17.50 -17.43 13.84
N PRO B 32 16.77 -17.79 14.89
CA PRO B 32 15.31 -17.87 14.75
C PRO B 32 14.66 -16.54 14.41
N GLN B 33 14.96 -15.50 15.18
CA GLN B 33 14.39 -14.20 14.90
C GLN B 33 14.75 -13.75 13.50
N LEU B 34 16.01 -13.95 13.09
CA LEU B 34 16.43 -13.48 11.77
C LEU B 34 15.75 -14.28 10.67
N ALA B 35 15.78 -15.61 10.76
CA ALA B 35 15.05 -16.43 9.81
C ALA B 35 13.62 -15.94 9.69
N SER B 36 13.02 -15.59 10.83
CA SER B 36 11.61 -15.21 10.86
C SER B 36 11.40 -13.84 10.27
N TYR B 37 12.37 -12.93 10.47
CA TYR B 37 12.32 -11.62 9.82
C TYR B 37 12.37 -11.77 8.30
N LEU B 38 13.31 -12.57 7.80
CA LEU B 38 13.41 -12.77 6.36
C LEU B 38 12.15 -13.43 5.80
N ALA B 39 11.60 -14.39 6.54
CA ALA B 39 10.35 -15.02 6.10
C ALA B 39 9.21 -13.99 6.03
N THR B 40 9.36 -12.81 6.65
CA THR B 40 8.23 -11.83 6.69
C THR B 40 8.47 -10.59 5.82
N SER B 41 9.71 -10.30 5.43
CA SER B 41 10.00 -9.03 4.71
C SER B 41 10.50 -9.33 3.31
N SER B 42 10.79 -10.59 3.02
CA SER B 42 11.36 -11.01 1.76
C SER B 42 10.22 -11.38 0.81
N GLN B 43 10.48 -11.27 -0.47
CA GLN B 43 9.44 -11.53 -1.44
C GLN B 43 9.75 -12.71 -2.24
N GLY B 44 10.53 -13.60 -1.68
CA GLY B 44 10.76 -14.84 -2.34
C GLY B 44 10.33 -16.03 -1.60
N PHE B 45 11.05 -17.10 -1.77
CA PHE B 45 10.75 -18.31 -1.03
C PHE B 45 11.31 -18.10 0.34
N LEU B 46 10.66 -18.65 1.33
CA LEU B 46 11.05 -18.30 2.67
C LEU B 46 11.88 -19.20 3.54
N PRO B 47 12.79 -18.57 4.29
CA PRO B 47 13.66 -19.35 5.14
C PRO B 47 13.14 -19.73 6.52
N VAL B 48 13.66 -20.80 7.10
CA VAL B 48 13.28 -21.15 8.46
C VAL B 48 14.56 -21.17 9.29
N PRO B 49 14.43 -21.14 10.63
CA PRO B 49 15.62 -21.28 11.49
C PRO B 49 16.45 -22.51 11.12
N GLY B 50 17.76 -22.33 11.04
CA GLY B 50 18.68 -23.41 10.75
C GLY B 50 19.15 -23.48 9.30
N ASP B 51 18.35 -22.98 8.35
CA ASP B 51 18.81 -22.90 6.97
C ASP B 51 20.14 -22.17 6.87
N ALA B 52 21.03 -22.72 6.04
CA ALA B 52 22.15 -21.93 5.58
C ALA B 52 21.66 -20.87 4.60
N CYS B 53 22.47 -19.83 4.46
CA CYS B 53 22.05 -18.67 3.71
C CYS B 53 23.31 -18.07 3.11
N LEU B 54 23.18 -17.52 1.90
CA LEU B 54 24.28 -16.83 1.23
C LEU B 54 23.75 -15.55 0.59
N TRP B 55 24.41 -14.41 0.87
CA TRP B 55 24.06 -13.12 0.32
C TRP B 55 25.13 -12.63 -0.56
N ILE B 56 24.79 -12.36 -1.80
CA ILE B 56 25.74 -11.82 -2.75
C ILE B 56 25.34 -10.46 -3.31
N GLU B 57 26.24 -9.50 -3.31
CA GLU B 57 25.97 -8.23 -3.97
C GLU B 57 26.99 -8.08 -5.04
N VAL B 58 26.51 -7.89 -6.26
CA VAL B 58 27.40 -7.71 -7.39
C VAL B 58 27.16 -6.46 -8.19
N ALA B 59 28.16 -5.99 -8.89
CA ALA B 59 28.03 -4.85 -9.75
C ALA B 59 28.52 -5.20 -11.20
N PRO B 60 27.79 -4.79 -12.33
CA PRO B 60 26.50 -4.12 -12.31
C PRO B 60 25.37 -5.02 -11.80
N GLY B 61 24.28 -4.43 -11.33
CA GLY B 61 23.25 -5.17 -10.63
C GLY B 61 22.33 -5.99 -11.51
N MET B 62 22.28 -5.71 -12.80
CA MET B 62 21.46 -6.55 -13.66
C MET B 62 22.06 -7.93 -13.82
N ALA B 63 23.35 -8.09 -13.47
CA ALA B 63 24.01 -9.39 -13.50
C ALA B 63 23.37 -10.40 -12.55
N VAL B 64 22.65 -9.97 -11.51
CA VAL B 64 22.12 -10.94 -10.55
C VAL B 64 21.13 -11.89 -11.21
N HIS B 65 20.68 -11.56 -12.42
CA HIS B 65 19.69 -12.42 -13.12
C HIS B 65 20.35 -13.72 -13.56
N ARG B 66 21.44 -13.62 -14.32
CA ARG B 66 22.18 -14.83 -14.76
C ARG B 66 22.75 -15.55 -13.53
N LEU B 67 23.31 -14.85 -12.58
CA LEU B 67 23.92 -15.48 -11.43
C LEU B 67 22.95 -16.25 -10.57
N SER B 68 21.72 -15.81 -10.55
CA SER B 68 20.73 -16.51 -9.82
C SER B 68 20.26 -17.74 -10.53
N ASP B 69 20.23 -17.71 -11.85
CA ASP B 69 19.82 -18.82 -12.64
C ASP B 69 20.88 -19.86 -12.47
N ILE B 70 22.11 -19.43 -12.45
CA ILE B 70 23.20 -20.38 -12.28
C ILE B 70 23.06 -21.12 -10.96
N ALA B 71 22.59 -20.42 -9.93
CA ALA B 71 22.57 -20.98 -8.57
C ALA B 71 21.42 -21.95 -8.38
N LEU B 72 20.26 -21.64 -8.94
CA LEU B 72 19.09 -22.49 -8.78
C LEU B 72 19.19 -23.75 -9.63
N LYS B 73 20.00 -23.71 -10.69
CA LYS B 73 20.20 -24.89 -11.52
C LYS B 73 21.35 -25.76 -11.03
N ALA B 74 22.29 -25.20 -10.27
CA ALA B 74 23.39 -26.01 -9.73
C ALA B 74 22.89 -26.96 -8.64
N THR B 75 22.14 -26.45 -7.67
CA THR B 75 21.70 -27.27 -6.54
C THR B 75 20.19 -27.15 -6.36
N ASN B 76 19.73 -27.53 -5.16
CA ASN B 76 18.34 -27.45 -4.74
C ASN B 76 18.05 -26.18 -3.94
N VAL B 77 19.02 -25.28 -3.84
CA VAL B 77 18.87 -24.07 -3.06
C VAL B 77 17.67 -23.27 -3.57
N ARG B 78 17.07 -22.50 -2.69
CA ARG B 78 15.93 -21.67 -3.03
C ARG B 78 16.28 -20.21 -3.03
N LEU B 79 15.54 -19.42 -3.78
CA LEU B 79 15.79 -17.98 -3.86
C LEU B 79 14.97 -17.18 -2.88
N GLY B 80 15.64 -16.42 -2.04
CA GLY B 80 14.97 -15.62 -1.08
C GLY B 80 14.83 -14.22 -1.55
N GLU B 81 15.93 -13.60 -1.95
CA GLU B 81 15.84 -12.21 -2.37
C GLU B 81 16.51 -12.04 -3.73
N GLN B 82 15.97 -11.11 -4.52
CA GLN B 82 16.57 -10.72 -5.80
C GLN B 82 16.16 -9.29 -6.09
N VAL B 83 17.13 -8.39 -6.09
CA VAL B 83 16.87 -6.95 -6.14
C VAL B 83 17.93 -6.30 -7.02
N VAL B 84 17.50 -5.51 -8.00
CA VAL B 84 18.40 -4.74 -8.85
C VAL B 84 18.30 -3.26 -8.49
N GLU B 85 19.37 -2.70 -7.96
CA GLU B 85 19.47 -1.27 -7.73
C GLU B 85 20.30 -0.65 -8.85
N ARG B 86 20.40 0.67 -8.82
CA ARG B 86 21.03 1.43 -9.88
C ARG B 86 22.45 0.93 -10.17
N ALA B 87 23.33 0.98 -9.17
CA ALA B 87 24.75 0.68 -9.39
C ALA B 87 25.14 -0.75 -9.04
N PHE B 88 24.24 -1.53 -8.45
CA PHE B 88 24.57 -2.85 -7.95
C PHE B 88 23.26 -3.59 -7.74
N GLY B 89 23.37 -4.88 -7.43
CA GLY B 89 22.19 -5.69 -7.19
C GLY B 89 22.53 -6.83 -6.24
N SER B 90 21.49 -7.35 -5.61
CA SER B 90 21.65 -8.25 -4.48
C SER B 90 20.77 -9.47 -4.64
N MET B 91 21.30 -10.62 -4.26
CA MET B 91 20.57 -11.88 -4.27
C MET B 91 20.80 -12.57 -2.94
N GLU B 92 20.01 -13.61 -2.68
CA GLU B 92 20.13 -14.38 -1.45
C GLU B 92 19.56 -15.77 -1.67
N ILE B 93 20.37 -16.80 -1.40
CA ILE B 93 19.94 -18.18 -1.55
C ILE B 93 19.97 -18.87 -0.19
N HIS B 94 19.22 -19.97 -0.09
CA HIS B 94 19.13 -20.68 1.17
C HIS B 94 18.54 -22.07 0.94
N TYR B 95 18.95 -22.98 1.79
CA TYR B 95 18.49 -24.34 1.72
C TYR B 95 18.84 -24.92 3.05
N ARG B 96 18.17 -25.99 3.40
CA ARG B 96 18.48 -26.69 4.60
C ARG B 96 19.90 -27.13 4.72
N ASN B 97 20.49 -27.48 3.59
CA ASN B 97 21.81 -28.04 3.61
C ASN B 97 22.83 -27.10 3.13
N GLN B 98 23.76 -26.78 3.97
CA GLN B 98 24.77 -25.81 3.66
C GLN B 98 25.56 -26.17 2.48
N SER B 99 25.70 -27.43 2.22
CA SER B 99 26.38 -27.90 1.06
C SER B 99 25.86 -27.22 -0.14
N ASP B 100 24.59 -27.42 -0.40
CA ASP B 100 23.98 -26.85 -1.59
C ASP B 100 24.23 -25.35 -1.68
N VAL B 101 24.20 -24.65 -0.54
CA VAL B 101 24.35 -23.20 -0.55
C VAL B 101 25.76 -22.81 -0.95
N LEU B 102 26.78 -23.50 -0.42
CA LEU B 102 28.14 -23.14 -0.80
C LEU B 102 28.46 -23.64 -2.20
N ALA B 103 27.83 -24.74 -2.61
CA ALA B 103 28.00 -25.27 -3.96
C ALA B 103 27.49 -24.28 -5.00
N SER B 104 26.19 -23.94 -4.93
CA SER B 104 25.64 -22.81 -5.68
C SER B 104 26.50 -21.56 -5.54
N GLY B 105 27.03 -21.32 -4.35
CA GLY B 105 27.94 -20.16 -4.18
C GLY B 105 29.15 -20.22 -5.08
N GLU B 106 29.82 -21.38 -5.14
CA GLU B 106 31.05 -21.55 -5.96
C GLU B 106 30.73 -21.39 -7.45
N ALA B 107 29.56 -21.87 -7.88
CA ALA B 107 29.16 -21.74 -9.30
C ALA B 107 29.06 -20.27 -9.68
N VAL B 108 28.49 -19.44 -8.79
CA VAL B 108 28.41 -17.97 -9.06
C VAL B 108 29.83 -17.42 -9.13
N LEU B 109 30.69 -17.86 -8.21
CA LEU B 109 32.08 -17.32 -8.14
C LEU B 109 32.86 -17.68 -9.41
N ARG B 110 32.67 -18.88 -9.94
CA ARG B 110 33.36 -19.30 -11.19
C ARG B 110 32.92 -18.43 -12.36
N GLU B 111 31.62 -18.17 -12.50
CA GLU B 111 31.11 -17.39 -13.66
C GLU B 111 31.66 -15.97 -13.62
N ILE B 112 31.76 -15.36 -12.44
CA ILE B 112 32.21 -13.94 -12.34
C ILE B 112 33.73 -13.88 -12.28
N ASN B 113 34.40 -15.03 -12.24
CA ASN B 113 35.89 -15.08 -12.16
C ASN B 113 36.38 -14.29 -10.94
N HIS B 114 35.66 -14.42 -9.82
CA HIS B 114 36.06 -13.71 -8.57
C HIS B 114 36.13 -14.71 -7.42
N ALA B 115 37.18 -14.65 -6.63
CA ALA B 115 37.25 -15.50 -5.41
C ALA B 115 36.44 -14.82 -4.30
N GLN B 116 36.11 -15.56 -3.25
CA GLN B 116 35.29 -15.00 -2.13
C GLN B 116 36.03 -13.81 -1.50
N GLU B 117 37.35 -13.90 -1.35
CA GLU B 117 38.18 -12.84 -0.72
C GLU B 117 38.14 -11.56 -1.54
N ASP B 118 37.83 -11.64 -2.83
CA ASP B 118 37.84 -10.46 -3.73
C ASP B 118 36.76 -9.48 -3.31
N ARG B 119 35.85 -9.88 -2.41
CA ARG B 119 34.72 -9.04 -1.93
C ARG B 119 35.21 -7.76 -1.24
N LEU B 120 34.36 -6.72 -1.25
CA LEU B 120 34.71 -5.42 -0.63
C LEU B 120 34.78 -5.55 0.88
N PRO B 121 35.64 -4.79 1.58
CA PRO B 121 35.64 -4.82 3.04
C PRO B 121 34.38 -4.17 3.66
N CYS B 122 33.99 -4.64 4.85
CA CYS B 122 32.81 -4.07 5.55
C CYS B 122 33.23 -2.93 6.49
N ARG B 123 32.95 -1.69 6.12
CA ARG B 123 33.19 -0.55 7.00
C ARG B 123 31.96 -0.23 7.82
N ILE B 124 32.18 0.16 9.08
CA ILE B 124 31.10 0.51 10.00
C ILE B 124 30.73 1.98 9.80
N ALA B 125 29.51 2.23 9.37
CA ALA B 125 29.04 3.61 9.25
C ALA B 125 28.60 4.14 10.61
N TRP B 126 27.78 3.38 11.31
CA TRP B 126 27.25 3.78 12.59
C TRP B 126 27.26 2.58 13.52
N LYS B 127 27.39 2.87 14.82
CA LYS B 127 27.56 1.85 15.86
C LYS B 127 27.24 2.55 17.19
N GLU B 128 26.04 2.31 17.72
CA GLU B 128 25.56 3.06 18.87
C GLU B 128 24.57 2.23 19.64
N ILE B 129 24.63 2.32 20.97
CA ILE B 129 23.55 1.93 21.84
C ILE B 129 22.98 3.20 22.46
N ILE B 130 21.66 3.26 22.59
CA ILE B 130 20.98 4.38 23.21
C ILE B 130 20.13 3.82 24.34
N ARG B 131 20.35 4.25 25.57
CA ARG B 131 19.61 3.63 26.69
C ARG B 131 18.27 4.32 26.96
N ALA B 132 17.32 3.62 27.59
CA ALA B 132 16.03 4.20 28.02
C ALA B 132 15.23 4.90 26.91
N ILE B 133 14.99 4.22 25.79
CA ILE B 133 14.24 4.81 24.64
C ILE B 133 12.90 5.39 25.08
N THR B 134 12.62 6.64 24.70
CA THR B 134 11.35 7.28 24.98
C THR B 134 10.24 6.57 24.22
N PRO B 135 9.00 6.73 24.67
CA PRO B 135 7.89 6.14 23.90
C PRO B 135 7.70 6.77 22.52
N ASP B 136 8.07 8.03 22.34
CA ASP B 136 7.89 8.67 21.04
C ASP B 136 8.94 8.15 20.05
N HIS B 137 10.20 8.05 20.49
CA HIS B 137 11.24 7.50 19.65
C HIS B 137 10.87 6.10 19.18
N ALA B 138 10.42 5.26 20.11
CA ALA B 138 10.07 3.88 19.80
C ALA B 138 8.99 3.80 18.75
N THR B 139 7.94 4.62 18.92
CA THR B 139 6.74 4.58 18.03
C THR B 139 7.14 4.84 16.56
N LEU B 140 7.94 5.88 16.31
CA LEU B 140 8.27 6.21 14.91
C LEU B 140 9.05 5.06 14.29
N ILE B 141 9.97 4.46 15.03
CA ILE B 141 10.67 3.25 14.50
C ILE B 141 9.63 2.14 14.30
N ASN B 142 8.63 2.02 15.18
CA ASN B 142 7.69 0.93 15.00
C ASN B 142 6.82 1.14 13.77
N ARG B 143 6.64 2.41 13.38
CA ARG B 143 5.61 2.81 12.45
C ARG B 143 6.11 2.92 11.02
N GLN B 144 7.42 2.94 10.83
CA GLN B 144 8.02 3.15 9.53
C GLN B 144 8.80 1.89 9.18
N LEU B 145 8.23 1.11 8.25
CA LEU B 145 8.90 0.01 7.57
C LEU B 145 9.54 -1.02 8.50
N ARG B 146 9.22 -0.99 9.80
CA ARG B 146 9.60 -2.07 10.68
C ARG B 146 8.73 -3.30 10.43
N LYS B 147 9.39 -4.45 10.18
CA LYS B 147 8.70 -5.72 10.01
C LYS B 147 9.11 -6.78 11.03
N GLY B 148 10.11 -6.49 11.86
CA GLY B 148 10.45 -7.32 13.01
C GLY B 148 9.57 -7.01 14.20
N SER B 149 10.12 -7.04 15.40
CA SER B 149 9.26 -6.94 16.58
C SER B 149 9.18 -5.50 17.05
N MET B 150 8.20 -5.23 17.91
CA MET B 150 8.04 -3.87 18.44
C MET B 150 9.15 -3.48 19.40
N LEU B 151 9.59 -2.24 19.28
CA LEU B 151 10.64 -1.65 20.12
C LEU B 151 9.97 -1.00 21.34
N LEU B 152 10.30 -1.49 22.54
CA LEU B 152 9.46 -0.99 23.61
C LEU B 152 10.17 0.14 24.36
N PRO B 153 9.42 1.10 24.92
CA PRO B 153 10.04 2.20 25.66
C PRO B 153 10.71 1.72 26.96
N GLY B 154 11.85 2.35 27.27
CA GLY B 154 12.61 1.99 28.46
C GLY B 154 13.79 1.08 28.16
N LYS B 155 13.59 0.12 27.27
CA LYS B 155 14.65 -0.80 26.91
C LYS B 155 15.72 -0.08 26.10
N SER B 156 16.90 -0.68 26.02
CA SER B 156 17.99 -0.07 25.26
C SER B 156 17.87 -0.43 23.77
N MET B 157 18.59 0.31 22.93
CA MET B 157 18.49 0.15 21.49
C MET B 157 19.87 0.16 20.87
N PHE B 158 20.19 -0.92 20.15
CA PHE B 158 21.43 -1.05 19.38
C PHE B 158 21.14 -0.81 17.90
N ILE B 159 21.87 0.14 17.32
CA ILE B 159 21.73 0.47 15.87
C ILE B 159 23.10 0.35 15.21
N LEU B 160 23.18 -0.43 14.14
CA LEU B 160 24.46 -0.58 13.39
C LEU B 160 24.22 -0.22 11.93
N GLU B 161 25.12 0.56 11.34
CA GLU B 161 25.01 0.87 9.88
C GLU B 161 26.31 0.41 9.21
N THR B 162 26.22 -0.31 8.09
CA THR B 162 27.43 -0.80 7.42
C THR B 162 27.31 -0.53 5.94
N GLU B 163 28.48 -0.47 5.30
CA GLU B 163 28.59 -0.24 3.86
C GLU B 163 29.61 -1.25 3.33
N PRO B 164 29.25 -2.09 2.34
CA PRO B 164 27.96 -2.22 1.67
C PRO B 164 26.87 -2.79 2.57
N ALA B 165 25.63 -2.82 2.08
CA ALA B 165 24.52 -3.17 2.96
C ALA B 165 24.46 -4.66 3.28
N GLY B 166 24.94 -5.52 2.38
CA GLY B 166 24.64 -6.95 2.47
C GLY B 166 25.19 -7.66 3.69
N TYR B 167 26.25 -7.13 4.29
CA TYR B 167 26.86 -7.81 5.43
C TYR B 167 26.08 -7.60 6.72
N ILE B 168 25.16 -6.64 6.76
CA ILE B 168 24.34 -6.43 7.95
C ILE B 168 23.56 -7.69 8.30
N VAL B 169 23.28 -8.55 7.31
CA VAL B 169 22.51 -9.74 7.60
C VAL B 169 23.35 -10.74 8.38
N GLN B 170 24.66 -10.75 8.16
CA GLN B 170 25.55 -11.64 8.90
C GLN B 170 25.84 -11.10 10.30
N ALA B 171 26.00 -9.78 10.43
CA ALA B 171 26.10 -9.18 11.75
C ALA B 171 24.83 -9.43 12.55
N ALA B 172 23.67 -9.21 11.94
CA ALA B 172 22.40 -9.46 12.61
C ALA B 172 22.28 -10.91 13.09
N ASN B 173 22.76 -11.86 12.29
CA ASN B 173 22.70 -13.26 12.73
C ASN B 173 23.61 -13.51 13.91
N GLU B 174 24.82 -12.92 13.87
CA GLU B 174 25.77 -13.18 14.95
C GLU B 174 25.35 -12.45 16.21
N ALA B 175 24.75 -11.26 16.07
CA ALA B 175 24.28 -10.53 17.24
C ALA B 175 23.20 -11.32 17.95
N GLU B 176 22.17 -11.74 17.22
CA GLU B 176 21.11 -12.57 17.83
C GLU B 176 21.68 -13.79 18.54
N LYS B 177 22.66 -14.46 17.92
CA LYS B 177 23.22 -15.68 18.48
C LYS B 177 23.93 -15.41 19.80
N ALA B 178 24.70 -14.35 19.88
CA ALA B 178 25.56 -14.14 21.03
C ALA B 178 24.81 -13.55 22.23
N ALA B 179 23.64 -12.97 22.02
CA ALA B 179 23.02 -12.20 23.08
C ALA B 179 21.50 -12.31 22.95
N HIS B 180 20.83 -12.10 24.08
CA HIS B 180 19.40 -12.30 24.18
C HIS B 180 18.68 -10.99 23.86
N VAL B 181 18.82 -10.57 22.61
CA VAL B 181 18.25 -9.31 22.15
C VAL B 181 17.10 -9.61 21.17
N THR B 182 16.31 -8.60 20.86
CA THR B 182 15.18 -8.75 19.97
C THR B 182 15.42 -8.01 18.67
N LEU B 183 15.26 -8.69 17.54
CA LEU B 183 15.39 -8.05 16.25
C LEU B 183 14.24 -7.14 15.90
N ILE B 184 14.54 -5.90 15.65
CA ILE B 184 13.52 -4.94 15.32
C ILE B 184 13.44 -4.71 13.82
N ASP B 185 14.60 -4.63 13.17
CA ASP B 185 14.67 -4.40 11.77
C ASP B 185 16.03 -4.54 11.16
N VAL B 186 16.11 -5.20 10.01
CA VAL B 186 17.35 -5.27 9.27
C VAL B 186 17.06 -4.82 7.85
N ARG B 187 17.67 -3.72 7.42
CA ARG B 187 17.52 -3.21 6.05
C ARG B 187 18.76 -3.51 5.32
N ALA B 188 18.67 -4.36 4.30
CA ALA B 188 19.90 -4.86 3.64
C ALA B 188 19.97 -4.45 2.17
N PHE B 189 19.37 -3.33 1.79
CA PHE B 189 19.54 -2.88 0.41
C PHE B 189 19.96 -1.42 0.43
N GLY B 190 20.18 -0.87 -0.76
CA GLY B 190 20.81 0.42 -0.88
C GLY B 190 22.31 0.34 -0.65
N ASN B 191 22.92 1.49 -0.37
CA ASN B 191 24.34 1.51 -0.10
C ASN B 191 24.66 1.09 1.32
N PHE B 192 23.73 1.31 2.26
CA PHE B 192 24.00 1.16 3.68
C PHE B 192 23.02 0.20 4.30
N GLY B 193 23.55 -0.81 4.98
CA GLY B 193 22.74 -1.73 5.76
C GLY B 193 22.55 -1.16 7.15
N ARG B 194 21.32 -1.17 7.63
CA ARG B 194 20.97 -0.64 8.93
C ARG B 194 20.25 -1.72 9.73
N LEU B 195 20.59 -1.83 11.02
CA LEU B 195 20.10 -2.91 11.86
C LEU B 195 19.67 -2.35 13.21
N THR B 196 18.47 -2.74 13.67
CA THR B 196 17.93 -2.23 14.93
C THR B 196 17.59 -3.40 15.85
N MET B 197 18.19 -3.43 17.04
CA MET B 197 17.94 -4.47 18.02
C MET B 197 17.65 -3.85 19.38
N MET B 198 16.80 -4.54 20.14
CA MET B 198 16.36 -4.09 21.44
C MET B 198 16.77 -5.09 22.51
N GLY B 199 17.32 -4.56 23.60
CA GLY B 199 17.61 -5.37 24.76
C GLY B 199 17.86 -4.50 25.98
N SER B 200 18.41 -5.14 27.01
CA SER B 200 18.86 -4.34 28.14
C SER B 200 20.13 -3.61 27.74
N GLU B 201 20.69 -2.87 28.69
CA GLU B 201 22.00 -2.30 28.47
C GLU B 201 23.02 -3.41 28.18
N ALA B 202 23.03 -4.46 29.01
CA ALA B 202 24.03 -5.51 28.86
C ALA B 202 23.80 -6.32 27.59
N GLU B 203 22.55 -6.73 27.33
CA GLU B 203 22.25 -7.51 26.15
C GLU B 203 22.63 -6.78 24.87
N THR B 204 22.26 -5.51 24.75
CA THR B 204 22.67 -4.81 23.53
C THR B 204 24.18 -4.61 23.51
N GLU B 205 24.82 -4.53 24.68
CA GLU B 205 26.27 -4.39 24.69
C GLU B 205 26.96 -5.64 24.17
N GLU B 206 26.44 -6.80 24.51
CA GLU B 206 27.04 -8.01 23.98
C GLU B 206 26.80 -8.07 22.48
N ALA B 207 25.55 -7.94 22.07
CA ALA B 207 25.20 -7.84 20.65
C ALA B 207 26.09 -6.87 19.90
N MET B 208 26.34 -5.68 20.45
CA MET B 208 27.25 -4.78 19.74
C MET B 208 28.66 -5.35 19.67
N ARG B 209 29.09 -6.08 20.70
CA ARG B 209 30.41 -6.69 20.65
C ARG B 209 30.46 -7.79 19.58
N ALA B 210 29.42 -8.61 19.51
CA ALA B 210 29.38 -9.65 18.50
C ALA B 210 29.38 -9.05 17.09
N ALA B 211 28.67 -7.95 16.90
CA ALA B 211 28.65 -7.32 15.58
C ALA B 211 30.05 -7.00 15.13
N GLU B 212 30.82 -6.29 15.96
CA GLU B 212 32.10 -5.81 15.46
C GLU B 212 33.09 -6.93 15.31
N ALA B 213 32.88 -8.03 16.04
CA ALA B 213 33.74 -9.19 15.91
C ALA B 213 33.51 -9.88 14.57
N THR B 214 32.27 -9.89 14.10
CA THR B 214 31.98 -10.49 12.82
C THR B 214 32.45 -9.61 11.67
N ILE B 215 32.29 -8.28 11.81
CA ILE B 215 32.77 -7.37 10.77
C ILE B 215 34.28 -7.50 10.62
N ALA B 216 34.99 -7.76 11.72
CA ALA B 216 36.44 -7.85 11.65
C ALA B 216 36.89 -9.18 11.07
N SER B 217 36.17 -10.25 11.36
CA SER B 217 36.47 -11.53 10.73
C SER B 217 36.31 -11.42 9.23
N ILE B 218 35.16 -10.91 8.78
CA ILE B 218 34.92 -10.60 7.37
C ILE B 218 36.12 -9.86 6.78
N ASN B 219 36.59 -8.82 7.47
CA ASN B 219 37.58 -7.92 6.91
C ASN B 219 38.98 -8.50 6.88
N ALA B 220 39.16 -9.71 7.40
CA ALA B 220 40.36 -10.48 7.14
C ALA B 220 40.31 -11.11 5.75
N ARG B 221 39.09 -11.35 5.23
CA ARG B 221 38.79 -11.84 3.88
C ARG B 221 39.59 -13.09 3.56
N ASN C 18 32.31 16.03 14.86
CA ASN C 18 31.43 14.89 14.61
C ASN C 18 30.26 15.32 13.73
N ILE C 19 29.17 15.84 14.30
CA ILE C 19 27.95 16.15 13.56
C ILE C 19 27.82 17.50 12.91
N ASP C 20 27.29 17.54 11.70
CA ASP C 20 27.09 18.77 10.99
C ASP C 20 25.60 19.10 11.05
N LEU C 21 25.24 20.38 11.22
CA LEU C 21 23.81 20.78 11.21
C LEU C 21 23.42 21.40 9.90
N ARG C 22 22.53 20.78 9.15
CA ARG C 22 22.16 21.30 7.85
C ARG C 22 20.91 22.12 7.87
N VAL C 23 19.85 21.60 8.46
CA VAL C 23 18.65 22.36 8.57
C VAL C 23 18.27 22.63 10.00
N TYR C 24 17.89 23.85 10.33
CA TYR C 24 17.35 24.17 11.63
C TYR C 24 16.29 25.17 11.24
N SER C 25 15.02 24.81 11.34
CA SER C 25 13.94 25.73 10.97
C SER C 25 12.87 25.69 12.04
N PHE C 26 12.69 26.82 12.73
CA PHE C 26 11.77 26.92 13.85
C PHE C 26 10.49 27.62 13.42
N ILE C 27 9.35 26.98 13.67
CA ILE C 27 8.05 27.54 13.38
C ILE C 27 7.35 27.75 14.72
N ASP C 28 7.17 29.02 15.10
CA ASP C 28 6.65 29.34 16.43
C ASP C 28 5.18 28.97 16.58
N SER C 29 4.43 28.94 15.48
CA SER C 29 3.04 28.54 15.54
C SER C 29 2.62 28.17 14.12
N LEU C 30 1.99 27.02 13.98
CA LEU C 30 1.73 26.42 12.68
C LEU C 30 0.39 26.87 12.17
N GLN C 31 0.33 27.30 10.90
CA GLN C 31 -0.92 27.69 10.31
C GLN C 31 -1.83 26.45 10.17
N PRO C 32 -3.14 26.66 10.10
CA PRO C 32 -4.05 25.50 10.24
C PRO C 32 -3.90 24.46 9.14
N GLN C 33 -3.85 24.87 7.88
CA GLN C 33 -3.67 23.90 6.79
C GLN C 33 -2.35 23.17 6.92
N LEU C 34 -1.25 23.91 7.09
CA LEU C 34 0.06 23.28 7.22
C LEU C 34 0.06 22.22 8.30
N ALA C 35 -0.37 22.62 9.51
CA ALA C 35 -0.45 21.66 10.60
C ALA C 35 -1.38 20.50 10.26
N SER C 36 -2.54 20.80 9.67
CA SER C 36 -3.46 19.73 9.29
C SER C 36 -2.80 18.75 8.32
N TYR C 37 -1.99 19.26 7.40
CA TYR C 37 -1.35 18.39 6.42
C TYR C 37 -0.26 17.56 7.07
N LEU C 38 0.57 18.19 7.89
CA LEU C 38 1.53 17.45 8.70
C LEU C 38 0.85 16.35 9.49
N ALA C 39 -0.25 16.68 10.16
CA ALA C 39 -0.97 15.68 10.93
C ALA C 39 -1.50 14.58 10.04
N THR C 40 -1.83 14.89 8.78
CA THR C 40 -2.41 13.85 7.95
C THR C 40 -1.37 12.95 7.30
N SER C 41 -0.10 13.40 7.23
CA SER C 41 0.96 12.62 6.60
C SER C 41 2.02 12.11 7.56
N SER C 42 2.07 12.61 8.79
CA SER C 42 3.10 12.23 9.74
C SER C 42 2.87 10.84 10.32
N GLN C 43 3.95 10.11 10.50
CA GLN C 43 3.88 8.80 11.13
C GLN C 43 4.41 8.84 12.56
N GLY C 44 4.26 9.99 13.24
CA GLY C 44 4.73 10.23 14.59
C GLY C 44 3.59 10.71 15.48
N PHE C 45 3.88 11.70 16.31
CA PHE C 45 2.81 12.31 17.10
C PHE C 45 2.25 13.52 16.39
N LEU C 46 0.93 13.56 16.28
CA LEU C 46 0.25 14.46 15.35
C LEU C 46 0.19 15.88 15.88
N PRO C 47 0.76 16.85 15.19
CA PRO C 47 0.59 18.26 15.58
C PRO C 47 -0.83 18.75 15.31
N VAL C 48 -1.17 19.83 16.00
CA VAL C 48 -2.43 20.54 15.78
C VAL C 48 -2.08 22.00 15.46
N PRO C 49 -2.99 22.73 14.82
CA PRO C 49 -2.73 24.16 14.57
C PRO C 49 -2.33 24.88 15.85
N GLY C 50 -1.47 25.89 15.70
CA GLY C 50 -0.93 26.64 16.80
C GLY C 50 0.34 26.08 17.40
N ASP C 51 0.56 24.76 17.30
CA ASP C 51 1.74 24.15 17.88
C ASP C 51 2.99 24.86 17.39
N ALA C 52 3.93 25.10 18.30
CA ALA C 52 5.29 25.39 17.90
C ALA C 52 5.90 24.12 17.27
N CYS C 53 7.01 24.29 16.57
CA CYS C 53 7.47 23.21 15.72
C CYS C 53 8.89 23.51 15.28
N LEU C 54 9.74 22.50 15.31
CA LEU C 54 11.15 22.72 15.00
C LEU C 54 11.66 21.62 14.07
N TRP C 55 12.08 22.01 12.86
CA TRP C 55 12.63 21.10 11.85
C TRP C 55 14.15 21.11 11.91
N ILE C 56 14.75 19.94 12.04
CA ILE C 56 16.20 19.82 12.05
C ILE C 56 16.69 18.70 11.18
N GLU C 57 17.62 18.96 10.29
CA GLU C 57 18.27 17.90 9.54
C GLU C 57 19.73 17.92 9.85
N VAL C 58 20.30 16.80 10.25
CA VAL C 58 21.72 16.70 10.53
C VAL C 58 22.40 15.66 9.66
N ALA C 59 23.74 15.56 9.69
CA ALA C 59 24.46 14.51 8.96
C ALA C 59 25.67 14.08 9.77
N PRO C 60 25.95 12.77 9.88
CA PRO C 60 25.24 11.58 9.34
C PRO C 60 23.78 11.50 9.74
N GLY C 61 23.01 10.72 8.97
CA GLY C 61 21.59 10.60 9.27
C GLY C 61 21.31 9.76 10.49
N MET C 62 22.19 8.83 10.83
CA MET C 62 21.94 7.98 11.97
C MET C 62 21.90 8.74 13.29
N ALA C 63 22.33 10.00 13.28
CA ALA C 63 22.44 10.73 14.53
C ALA C 63 21.10 11.18 15.08
N VAL C 64 20.07 11.32 14.25
CA VAL C 64 18.82 11.87 14.75
C VAL C 64 18.26 11.00 15.88
N HIS C 65 18.76 9.78 16.03
CA HIS C 65 18.31 8.94 17.13
C HIS C 65 18.71 9.51 18.49
N ARG C 66 20.02 9.62 18.73
CA ARG C 66 20.50 10.24 19.95
C ARG C 66 20.02 11.67 20.07
N LEU C 67 19.88 12.36 18.93
CA LEU C 67 19.44 13.75 18.94
C LEU C 67 17.94 13.85 19.26
N SER C 68 17.14 12.94 18.75
CA SER C 68 15.74 12.97 19.13
C SER C 68 15.57 12.53 20.57
N ASP C 69 16.42 11.60 21.03
CA ASP C 69 16.37 11.19 22.43
C ASP C 69 16.60 12.37 23.33
N ILE C 70 17.61 13.17 23.01
CA ILE C 70 17.97 14.31 23.83
C ILE C 70 16.82 15.32 23.86
N ALA C 71 16.33 15.73 22.68
CA ALA C 71 15.26 16.71 22.64
C ALA C 71 14.03 16.21 23.38
N LEU C 72 13.70 14.93 23.21
CA LEU C 72 12.50 14.40 23.83
C LEU C 72 12.66 14.29 25.33
N LYS C 73 13.87 13.98 25.81
CA LYS C 73 14.12 13.86 27.24
C LYS C 73 14.20 15.24 27.91
N ALA C 74 14.51 16.28 27.15
CA ALA C 74 14.63 17.61 27.74
C ALA C 74 13.29 18.16 28.21
N THR C 75 12.22 18.02 27.43
CA THR C 75 11.02 18.83 27.63
C THR C 75 9.77 17.95 27.50
N ASN C 76 8.60 18.61 27.39
CA ASN C 76 7.32 17.97 27.13
C ASN C 76 7.04 17.83 25.63
N VAL C 77 8.08 18.00 24.80
CA VAL C 77 7.89 18.10 23.35
C VAL C 77 7.66 16.72 22.75
N ARG C 78 6.94 16.70 21.64
CA ARG C 78 6.55 15.47 20.98
C ARG C 78 7.30 15.31 19.66
N LEU C 79 7.61 14.06 19.32
CA LEU C 79 8.35 13.75 18.09
C LEU C 79 7.36 13.63 16.94
N GLY C 80 7.53 14.47 15.91
CA GLY C 80 6.66 14.46 14.75
C GLY C 80 7.16 13.61 13.60
N GLU C 81 8.47 13.65 13.33
CA GLU C 81 9.04 12.92 12.21
C GLU C 81 10.43 12.43 12.60
N GLN C 82 10.88 11.39 11.92
CA GLN C 82 12.24 10.89 12.11
C GLN C 82 12.56 9.95 10.95
N VAL C 83 13.44 10.39 10.06
CA VAL C 83 13.84 9.62 8.89
C VAL C 83 15.35 9.68 8.80
N VAL C 84 15.97 8.52 8.54
CA VAL C 84 17.41 8.41 8.32
C VAL C 84 17.63 8.07 6.84
N GLU C 85 18.15 9.02 6.09
CA GLU C 85 18.24 8.90 4.64
C GLU C 85 19.69 8.59 4.25
N ARG C 86 19.92 8.55 2.93
CA ARG C 86 21.21 8.13 2.39
C ARG C 86 22.36 8.86 3.08
N ALA C 87 22.31 10.19 3.07
CA ALA C 87 23.42 11.02 3.49
C ALA C 87 23.10 11.88 4.69
N PHE C 88 21.87 11.84 5.21
CA PHE C 88 21.47 12.71 6.30
C PHE C 88 20.10 12.27 6.81
N GLY C 89 19.73 12.78 7.98
CA GLY C 89 18.45 12.48 8.57
C GLY C 89 17.74 13.71 9.03
N SER C 90 16.40 13.61 9.07
CA SER C 90 15.55 14.69 9.52
C SER C 90 14.83 14.25 10.79
N MET C 91 14.51 15.24 11.63
CA MET C 91 13.78 15.00 12.87
C MET C 91 12.88 16.20 13.07
N GLU C 92 11.71 15.98 13.63
CA GLU C 92 10.80 17.06 13.88
C GLU C 92 10.10 17.03 15.20
N ILE C 93 10.26 18.07 16.00
CA ILE C 93 9.58 18.17 17.27
C ILE C 93 8.48 19.24 17.28
N HIS C 94 7.52 19.15 18.20
CA HIS C 94 6.46 20.15 18.25
C HIS C 94 5.76 20.09 19.59
N TYR C 95 5.19 21.22 20.00
CA TYR C 95 4.47 21.29 21.27
C TYR C 95 3.57 22.52 21.21
N ARG C 96 2.49 22.47 21.99
CA ARG C 96 1.65 23.66 22.10
C ARG C 96 2.33 24.80 22.84
N ASN C 97 3.42 24.51 23.58
CA ASN C 97 4.20 25.54 24.26
C ASN C 97 5.52 25.77 23.53
N GLN C 98 5.64 26.96 22.95
CA GLN C 98 6.87 27.46 22.35
C GLN C 98 8.13 27.13 23.16
N SER C 99 8.13 27.48 24.45
CA SER C 99 9.36 27.36 25.24
C SER C 99 9.88 25.92 25.26
N ASP C 100 8.98 24.93 25.22
CA ASP C 100 9.40 23.53 25.23
C ASP C 100 10.13 23.16 23.93
N VAL C 101 9.63 23.64 22.80
CA VAL C 101 10.27 23.36 21.52
C VAL C 101 11.63 24.06 21.45
N LEU C 102 11.66 25.35 21.78
CA LEU C 102 12.93 26.05 21.73
C LEU C 102 13.95 25.43 22.68
N ALA C 103 13.48 24.97 23.85
CA ALA C 103 14.39 24.42 24.85
C ALA C 103 15.00 23.13 24.35
N SER C 104 14.19 22.27 23.74
CA SER C 104 14.73 21.08 23.09
C SER C 104 15.72 21.46 22.00
N GLY C 105 15.37 22.47 21.20
CA GLY C 105 16.28 22.89 20.15
C GLY C 105 17.65 23.28 20.65
N GLU C 106 17.71 24.13 21.69
CA GLU C 106 19.00 24.54 22.21
C GLU C 106 19.75 23.36 22.80
N ALA C 107 19.01 22.36 23.31
CA ALA C 107 19.64 21.16 23.84
C ALA C 107 20.26 20.33 22.72
N VAL C 108 19.55 20.19 21.60
CA VAL C 108 20.11 19.47 20.45
C VAL C 108 21.33 20.21 19.91
N LEU C 109 21.24 21.53 19.76
CA LEU C 109 22.40 22.26 19.28
C LEU C 109 23.59 22.10 20.24
N ARG C 110 23.32 21.95 21.54
CA ARG C 110 24.42 21.88 22.49
C ARG C 110 25.11 20.53 22.41
N GLU C 111 24.37 19.47 22.11
CA GLU C 111 24.98 18.16 21.92
C GLU C 111 25.90 18.15 20.70
N ILE C 112 25.37 18.52 19.53
CA ILE C 112 26.19 18.56 18.31
C ILE C 112 27.12 19.76 18.27
N ASN C 113 27.03 20.66 19.25
CA ASN C 113 27.95 21.79 19.41
C ASN C 113 27.94 22.69 18.16
N HIS C 114 26.74 23.09 17.74
CA HIS C 114 26.58 24.05 16.66
C HIS C 114 25.62 25.15 17.08
N ALA C 115 25.81 26.34 16.53
CA ALA C 115 24.83 27.39 16.69
C ALA C 115 23.76 27.27 15.61
N GLN C 116 22.55 27.73 15.95
CA GLN C 116 21.46 27.79 14.98
C GLN C 116 21.90 28.43 13.66
N GLU C 117 23.00 29.19 13.68
CA GLU C 117 23.54 29.86 12.50
C GLU C 117 24.43 28.96 11.65
N ASP C 118 24.98 27.88 12.20
CA ASP C 118 25.86 27.01 11.41
C ASP C 118 25.11 26.18 10.39
N ARG C 119 23.80 26.35 10.29
CA ARG C 119 23.00 25.65 9.29
C ARG C 119 23.38 26.11 7.87
N LEU C 120 23.12 25.22 6.91
CA LEU C 120 23.29 25.57 5.51
C LEU C 120 22.31 26.66 5.11
N PRO C 121 22.70 27.59 4.22
CA PRO C 121 21.71 28.51 3.66
C PRO C 121 20.63 27.75 2.92
N CYS C 122 19.56 28.47 2.59
CA CYS C 122 18.43 27.91 1.88
C CYS C 122 18.47 28.40 0.44
N ARG C 123 18.88 27.52 -0.49
CA ARG C 123 18.92 27.84 -1.90
C ARG C 123 17.54 27.61 -2.52
N ILE C 124 17.21 28.39 -3.55
CA ILE C 124 15.95 28.26 -4.25
C ILE C 124 16.21 27.60 -5.61
N ALA C 125 15.70 26.39 -5.77
CA ALA C 125 15.86 25.64 -7.02
C ALA C 125 14.67 25.77 -7.96
N TRP C 126 13.55 26.33 -7.50
CA TRP C 126 12.42 26.65 -8.35
C TRP C 126 11.45 27.52 -7.56
N LYS C 127 10.94 28.55 -8.22
CA LYS C 127 9.77 29.31 -7.80
C LYS C 127 9.05 29.72 -9.06
N GLU C 128 7.75 29.45 -9.13
CA GLU C 128 6.97 29.63 -10.34
C GLU C 128 5.50 29.64 -9.99
N ILE C 129 4.72 30.39 -10.77
CA ILE C 129 3.26 30.28 -10.80
C ILE C 129 2.84 29.90 -12.20
N ILE C 130 1.87 28.99 -12.27
CA ILE C 130 1.33 28.49 -13.51
C ILE C 130 -0.16 28.78 -13.50
N ARG C 131 -0.62 29.67 -14.38
CA ARG C 131 -2.03 30.12 -14.38
C ARG C 131 -2.94 29.16 -15.14
N ALA C 132 -4.24 29.15 -14.83
CA ALA C 132 -5.24 28.35 -15.57
C ALA C 132 -4.84 26.87 -15.70
N ILE C 133 -4.51 26.22 -14.58
CA ILE C 133 -4.13 24.78 -14.60
C ILE C 133 -5.24 23.97 -15.28
N THR C 134 -4.87 23.08 -16.20
CA THR C 134 -5.84 22.20 -16.87
C THR C 134 -6.29 21.06 -15.95
N PRO C 135 -7.42 20.43 -16.27
CA PRO C 135 -7.82 19.24 -15.52
C PRO C 135 -6.76 18.14 -15.48
N ASP C 136 -6.22 17.75 -16.63
CA ASP C 136 -5.20 16.69 -16.66
C ASP C 136 -4.07 16.98 -15.69
N HIS C 137 -3.38 18.11 -15.89
CA HIS C 137 -2.27 18.51 -15.02
C HIS C 137 -2.70 18.55 -13.55
N ALA C 138 -3.93 18.98 -13.28
CA ALA C 138 -4.38 19.03 -11.90
C ALA C 138 -4.51 17.63 -11.32
N THR C 139 -5.04 16.68 -12.07
CA THR C 139 -5.27 15.30 -11.58
C THR C 139 -4.00 14.46 -11.35
N LEU C 140 -2.99 14.64 -12.17
CA LEU C 140 -1.76 13.92 -12.01
C LEU C 140 -1.14 14.31 -10.71
N ILE C 141 -1.24 15.55 -10.35
CA ILE C 141 -0.72 16.02 -9.11
C ILE C 141 -1.56 15.47 -7.98
N ASN C 142 -2.87 15.58 -8.11
CA ASN C 142 -3.76 15.09 -7.06
C ASN C 142 -3.62 13.58 -6.83
N ARG C 143 -3.21 12.82 -7.86
CA ARG C 143 -3.23 11.37 -7.80
C ARG C 143 -1.95 10.77 -7.25
N GLN C 144 -0.85 11.54 -7.34
CA GLN C 144 0.48 11.03 -6.94
C GLN C 144 0.99 11.73 -5.68
N LEU C 145 1.03 11.03 -4.55
CA LEU C 145 1.64 11.58 -3.30
C LEU C 145 1.01 12.91 -2.90
N ARG C 146 -0.28 13.10 -3.15
CA ARG C 146 -0.97 14.34 -2.70
C ARG C 146 -1.81 13.98 -1.47
N LYS C 147 -1.31 14.32 -0.29
CA LYS C 147 -2.07 14.10 0.93
C LYS C 147 -2.79 15.34 1.41
N GLY C 148 -2.58 16.49 0.78
CA GLY C 148 -3.30 17.68 1.17
C GLY C 148 -4.65 17.80 0.49
N SER C 149 -4.98 19.04 0.08
CA SER C 149 -6.25 19.37 -0.55
C SER C 149 -6.14 19.29 -2.07
N MET C 150 -7.30 19.24 -2.71
CA MET C 150 -7.37 18.94 -4.14
C MET C 150 -7.09 20.19 -4.99
N LEU C 151 -6.03 20.11 -5.80
CA LEU C 151 -5.78 21.12 -6.80
C LEU C 151 -6.88 21.12 -7.86
N LEU C 152 -7.49 22.30 -8.11
CA LEU C 152 -8.64 22.34 -9.01
C LEU C 152 -8.32 23.07 -10.30
N PRO C 153 -8.83 22.60 -11.44
CA PRO C 153 -8.60 23.29 -12.72
C PRO C 153 -9.18 24.70 -12.76
N GLY C 154 -8.45 25.62 -13.43
CA GLY C 154 -8.79 27.01 -13.49
C GLY C 154 -7.99 27.92 -12.58
N LYS C 155 -7.45 27.36 -11.48
CA LYS C 155 -6.75 28.15 -10.49
C LYS C 155 -5.28 28.28 -10.87
N SER C 156 -4.62 29.23 -10.22
CA SER C 156 -3.19 29.39 -10.42
C SER C 156 -2.46 28.53 -9.41
N MET C 157 -1.28 28.05 -9.80
CA MET C 157 -0.51 27.12 -8.97
C MET C 157 0.81 27.78 -8.60
N PHE C 158 1.05 27.92 -7.29
CA PHE C 158 2.37 28.22 -6.77
C PHE C 158 3.14 26.92 -6.57
N ILE C 159 4.38 26.86 -7.06
CA ILE C 159 5.27 25.73 -6.82
C ILE C 159 6.64 26.26 -6.43
N LEU C 160 7.21 25.67 -5.39
CA LEU C 160 8.47 26.17 -4.83
C LEU C 160 9.33 24.97 -4.51
N GLU C 161 10.59 25.02 -4.92
CA GLU C 161 11.55 23.96 -4.62
C GLU C 161 12.73 24.58 -3.91
N THR C 162 13.14 23.98 -2.78
CA THR C 162 14.31 24.44 -2.04
C THR C 162 15.28 23.29 -1.81
N GLU C 163 16.56 23.64 -1.75
CA GLU C 163 17.60 22.80 -1.18
C GLU C 163 18.24 23.55 -0.03
N PRO C 164 18.34 22.97 1.18
CA PRO C 164 17.86 21.62 1.53
C PRO C 164 16.37 21.58 1.75
N ALA C 165 15.86 20.38 1.98
CA ALA C 165 14.42 20.16 1.97
C ALA C 165 13.71 20.89 3.11
N GLY C 166 14.06 20.56 4.37
CA GLY C 166 13.23 20.93 5.53
C GLY C 166 12.81 22.39 5.62
N TYR C 167 13.63 23.31 5.10
CA TYR C 167 13.22 24.71 5.02
C TYR C 167 11.89 24.90 4.34
N ILE C 168 11.44 23.95 3.51
CA ILE C 168 10.20 24.17 2.79
C ILE C 168 9.03 24.29 3.76
N VAL C 169 9.15 23.73 4.97
CA VAL C 169 8.04 23.77 5.92
C VAL C 169 7.83 25.20 6.45
N GLN C 170 8.90 25.87 6.88
CA GLN C 170 8.75 27.25 7.32
C GLN C 170 8.29 28.14 6.18
N ALA C 171 8.81 27.91 4.96
CA ALA C 171 8.32 28.64 3.78
C ALA C 171 6.86 28.31 3.49
N ALA C 172 6.47 27.05 3.65
CA ALA C 172 5.06 26.70 3.51
C ALA C 172 4.21 27.36 4.60
N ASN C 173 4.75 27.49 5.82
CA ASN C 173 3.96 28.05 6.92
C ASN C 173 3.65 29.52 6.69
N GLU C 174 4.68 30.32 6.40
CA GLU C 174 4.47 31.75 6.17
C GLU C 174 3.57 32.01 4.96
N ALA C 175 3.83 31.33 3.84
CA ALA C 175 3.00 31.56 2.67
C ALA C 175 1.52 31.34 2.98
N GLU C 176 1.18 30.42 3.89
CA GLU C 176 -0.21 30.31 4.32
C GLU C 176 -0.65 31.47 5.23
N LYS C 177 0.28 32.12 5.91
CA LYS C 177 -0.09 33.25 6.75
C LYS C 177 -0.43 34.45 5.90
N ALA C 178 0.47 34.81 4.98
CA ALA C 178 0.44 36.08 4.27
C ALA C 178 -0.54 36.11 3.09
N ALA C 179 -1.12 34.96 2.73
CA ALA C 179 -1.92 34.86 1.51
C ALA C 179 -3.05 33.89 1.75
N HIS C 180 -4.12 34.06 0.98
CA HIS C 180 -5.30 33.20 1.08
C HIS C 180 -5.22 32.08 0.03
N VAL C 181 -4.28 31.17 0.28
CA VAL C 181 -4.00 30.08 -0.63
C VAL C 181 -4.38 28.75 0.02
N THR C 182 -4.41 27.71 -0.77
CA THR C 182 -4.74 26.38 -0.30
C THR C 182 -3.50 25.49 -0.39
N LEU C 183 -3.24 24.73 0.66
CA LEU C 183 -2.14 23.78 0.67
C LEU C 183 -2.52 22.55 -0.14
N ILE C 184 -1.75 22.31 -1.21
CA ILE C 184 -1.90 21.09 -1.99
C ILE C 184 -0.94 20.03 -1.50
N ASP C 185 0.34 20.38 -1.33
CA ASP C 185 1.32 19.38 -0.96
C ASP C 185 2.59 20.04 -0.44
N VAL C 186 3.20 19.41 0.57
CA VAL C 186 4.53 19.76 1.07
C VAL C 186 5.34 18.46 1.17
N ARG C 187 6.44 18.37 0.43
CA ARG C 187 7.35 17.24 0.52
C ARG C 187 8.67 17.75 1.11
N ALA C 188 8.97 17.34 2.34
CA ALA C 188 10.07 17.88 3.12
C ALA C 188 11.23 16.92 3.31
N PHE C 189 11.25 15.80 2.60
CA PHE C 189 12.30 14.81 2.75
C PHE C 189 13.09 14.63 1.44
N GLY C 190 14.30 14.10 1.58
CA GLY C 190 15.25 14.08 0.48
C GLY C 190 16.13 15.33 0.44
N ASN C 191 16.80 15.48 -0.69
CA ASN C 191 17.66 16.64 -0.88
C ASN C 191 16.86 17.91 -1.15
N PHE C 192 15.71 17.79 -1.82
CA PHE C 192 14.96 18.93 -2.34
C PHE C 192 13.61 19.05 -1.67
N GLY C 193 13.33 20.20 -1.04
CA GLY C 193 11.96 20.48 -0.59
C GLY C 193 11.10 21.03 -1.71
N ARG C 194 9.83 20.63 -1.74
CA ARG C 194 8.92 21.03 -2.80
C ARG C 194 7.52 21.31 -2.26
N LEU C 195 6.89 22.35 -2.80
CA LEU C 195 5.67 22.92 -2.23
C LEU C 195 4.73 23.34 -3.33
N THR C 196 3.43 23.07 -3.14
CA THR C 196 2.40 23.36 -4.13
C THR C 196 1.18 23.99 -3.46
N MET C 197 0.89 25.24 -3.83
CA MET C 197 -0.25 25.98 -3.31
C MET C 197 -1.04 26.56 -4.48
N MET C 198 -2.34 26.76 -4.24
CA MET C 198 -3.32 27.05 -5.27
C MET C 198 -4.07 28.33 -4.88
N GLY C 199 -4.54 29.05 -5.89
CA GLY C 199 -5.35 30.25 -5.63
C GLY C 199 -5.40 31.18 -6.81
N SER C 200 -5.92 32.38 -6.59
CA SER C 200 -6.01 33.40 -7.66
C SER C 200 -4.59 33.86 -8.01
N GLU C 201 -4.40 34.35 -9.23
CA GLU C 201 -3.07 34.90 -9.56
C GLU C 201 -2.66 35.84 -8.44
N ALA C 202 -3.59 36.66 -7.93
CA ALA C 202 -3.15 37.63 -6.93
C ALA C 202 -2.74 36.95 -5.63
N GLU C 203 -3.48 35.92 -5.23
CA GLU C 203 -3.17 35.22 -3.99
C GLU C 203 -1.81 34.54 -4.06
N THR C 204 -1.57 33.77 -5.14
CA THR C 204 -0.37 32.94 -5.24
C THR C 204 0.89 33.77 -5.46
N GLU C 205 0.75 34.96 -6.06
CA GLU C 205 1.89 35.87 -6.12
C GLU C 205 2.26 36.35 -4.73
N GLU C 206 1.26 36.68 -3.91
CA GLU C 206 1.52 37.12 -2.56
C GLU C 206 2.11 35.98 -1.73
N ALA C 207 1.55 34.77 -1.90
CA ALA C 207 2.15 33.60 -1.25
C ALA C 207 3.58 33.38 -1.71
N MET C 208 3.92 33.76 -2.93
CA MET C 208 5.31 33.64 -3.34
C MET C 208 6.19 34.63 -2.61
N ARG C 209 5.71 35.85 -2.40
CA ARG C 209 6.58 36.83 -1.77
C ARG C 209 6.86 36.45 -0.31
N ALA C 210 5.85 35.98 0.41
CA ALA C 210 6.06 35.54 1.78
C ALA C 210 7.12 34.44 1.86
N ALA C 211 7.08 33.49 0.92
CA ALA C 211 8.08 32.43 0.87
C ALA C 211 9.45 32.98 0.49
N GLU C 212 9.48 33.89 -0.50
CA GLU C 212 10.72 34.55 -0.85
C GLU C 212 11.33 35.24 0.36
N ALA C 213 10.50 35.97 1.12
CA ALA C 213 10.96 36.65 2.31
C ALA C 213 11.43 35.67 3.37
N THR C 214 10.60 34.68 3.71
CA THR C 214 10.98 33.70 4.72
C THR C 214 12.35 33.11 4.43
N ILE C 215 12.59 32.77 3.17
CA ILE C 215 13.88 32.21 2.81
C ILE C 215 14.98 33.22 3.04
N ALA C 216 14.74 34.47 2.64
CA ALA C 216 15.74 35.52 2.82
C ALA C 216 16.17 35.64 4.29
N SER C 217 15.19 35.61 5.19
CA SER C 217 15.47 35.70 6.65
C SER C 217 16.27 34.47 7.11
N ILE C 218 15.98 33.29 6.53
CA ILE C 218 16.78 32.08 6.87
C ILE C 218 18.22 32.32 6.43
N ASN C 219 18.41 32.92 5.27
CA ASN C 219 19.78 33.14 4.71
C ASN C 219 20.57 34.07 5.62
N ALA C 220 19.90 35.06 6.23
CA ALA C 220 20.58 35.96 7.19
C ALA C 220 21.11 35.12 8.36
N ARG C 221 20.50 33.95 8.62
CA ARG C 221 20.96 33.01 9.68
C ARG C 221 21.01 33.75 11.02
N ASN D 18 -31.74 7.24 20.94
CA ASN D 18 -31.89 6.06 20.08
C ASN D 18 -30.54 5.46 19.70
N ILE D 19 -29.55 5.60 20.57
CA ILE D 19 -28.23 5.00 20.36
C ILE D 19 -28.10 3.80 21.29
N ASP D 20 -27.71 2.67 20.72
CA ASP D 20 -27.56 1.42 21.47
C ASP D 20 -26.09 1.27 21.87
N LEU D 21 -25.85 1.24 23.18
CA LEU D 21 -24.51 1.02 23.72
C LEU D 21 -24.07 -0.42 23.42
N ARG D 22 -23.10 -0.59 22.52
CA ARG D 22 -22.67 -1.94 22.15
C ARG D 22 -21.49 -2.42 23.00
N VAL D 23 -20.48 -1.56 23.17
CA VAL D 23 -19.30 -1.88 23.95
C VAL D 23 -19.03 -0.73 24.90
N TYR D 24 -18.47 -1.05 26.06
CA TYR D 24 -17.90 -0.06 26.95
C TYR D 24 -16.83 -0.79 27.75
N SER D 25 -15.57 -0.52 27.45
CA SER D 25 -14.47 -1.23 28.07
C SER D 25 -13.47 -0.22 28.59
N PHE D 26 -13.26 -0.20 29.90
CA PHE D 26 -12.39 0.79 30.51
C PHE D 26 -11.06 0.14 30.91
N ILE D 27 -9.97 0.72 30.42
CA ILE D 27 -8.61 0.30 30.74
C ILE D 27 -7.98 1.35 31.65
N ASP D 28 -7.72 0.97 32.89
CA ASP D 28 -7.15 1.91 33.85
C ASP D 28 -5.75 2.35 33.43
N SER D 29 -4.96 1.42 32.89
CA SER D 29 -3.56 1.69 32.60
C SER D 29 -3.05 0.71 31.56
N LEU D 30 -2.34 1.24 30.57
CA LEU D 30 -1.93 0.44 29.43
C LEU D 30 -0.61 -0.26 29.74
N GLN D 31 -0.59 -1.56 29.47
CA GLN D 31 0.64 -2.30 29.50
C GLN D 31 1.50 -1.90 28.30
N PRO D 32 2.84 -1.99 28.43
CA PRO D 32 3.69 -1.39 27.39
C PRO D 32 3.53 -2.01 26.01
N GLN D 33 3.31 -3.32 25.91
CA GLN D 33 3.16 -3.91 24.59
C GLN D 33 1.83 -3.48 23.99
N LEU D 34 0.80 -3.37 24.81
CA LEU D 34 -0.48 -2.87 24.30
C LEU D 34 -0.34 -1.42 23.86
N ALA D 35 0.18 -0.57 24.74
CA ALA D 35 0.36 0.83 24.40
C ALA D 35 1.22 0.95 23.17
N SER D 36 2.31 0.20 23.11
CA SER D 36 3.19 0.24 21.95
C SER D 36 2.45 -0.23 20.70
N TYR D 37 1.66 -1.30 20.82
CA TYR D 37 0.95 -1.82 19.65
C TYR D 37 -0.05 -0.80 19.13
N LEU D 38 -0.87 -0.25 20.02
CA LEU D 38 -1.82 0.79 19.62
C LEU D 38 -1.12 1.94 18.93
N ALA D 39 0.01 2.40 19.47
CA ALA D 39 0.69 3.53 18.89
C ALA D 39 1.23 3.23 17.50
N THR D 40 1.46 1.96 17.16
CA THR D 40 2.04 1.68 15.84
C THR D 40 0.98 1.44 14.78
N SER D 41 -0.26 1.12 15.20
CA SER D 41 -1.31 0.65 14.32
C SER D 41 -2.52 1.57 14.33
N SER D 42 -2.58 2.52 15.27
CA SER D 42 -3.71 3.41 15.34
C SER D 42 -3.61 4.56 14.35
N GLN D 43 -4.75 4.93 13.77
CA GLN D 43 -4.75 5.97 12.74
C GLN D 43 -4.90 7.34 13.37
N GLY D 44 -5.23 7.40 14.66
CA GLY D 44 -5.44 8.67 15.34
C GLY D 44 -4.30 9.09 16.24
N PHE D 45 -4.63 9.69 17.37
CA PHE D 45 -3.59 10.14 18.27
C PHE D 45 -3.06 8.95 19.08
N LEU D 46 -1.83 9.08 19.56
CA LEU D 46 -1.19 7.83 19.90
C LEU D 46 -0.89 7.74 21.41
N PRO D 47 -1.09 6.57 22.01
CA PRO D 47 -0.90 6.44 23.46
C PRO D 47 0.52 6.04 23.85
N VAL D 48 0.77 6.06 25.15
CA VAL D 48 2.03 5.59 25.73
C VAL D 48 1.70 4.70 26.93
N PRO D 49 2.64 3.87 27.36
CA PRO D 49 2.39 3.04 28.54
C PRO D 49 1.95 3.89 29.74
N GLY D 50 0.86 3.47 30.37
CA GLY D 50 0.35 4.10 31.57
C GLY D 50 -0.84 5.03 31.37
N ASP D 51 -1.28 5.25 30.14
CA ASP D 51 -2.47 6.04 29.91
C ASP D 51 -3.71 5.22 30.23
N ALA D 52 -4.71 5.88 30.78
CA ALA D 52 -6.03 5.30 30.78
C ALA D 52 -6.56 5.31 29.36
N CYS D 53 -7.62 4.56 29.14
CA CYS D 53 -8.01 4.36 27.76
C CYS D 53 -9.40 3.78 27.75
N LEU D 54 -10.23 4.21 26.82
CA LEU D 54 -11.61 3.76 26.81
C LEU D 54 -12.05 3.45 25.38
N TRP D 55 -12.65 2.27 25.22
CA TRP D 55 -13.23 1.81 23.96
C TRP D 55 -14.74 1.89 24.06
N ILE D 56 -15.39 2.25 22.94
CA ILE D 56 -16.85 2.37 22.87
C ILE D 56 -17.30 1.89 21.51
N GLU D 57 -18.32 1.03 21.47
CA GLU D 57 -19.05 0.73 20.25
C GLU D 57 -20.52 1.10 20.44
N VAL D 58 -21.11 1.71 19.41
CA VAL D 58 -22.47 2.24 19.44
C VAL D 58 -23.17 1.92 18.12
N ALA D 59 -24.50 1.98 18.16
CA ALA D 59 -25.31 1.86 16.96
C ALA D 59 -26.30 3.01 16.89
N PRO D 60 -26.48 3.62 15.70
CA PRO D 60 -25.78 3.22 14.46
C PRO D 60 -24.33 3.70 14.42
N GLY D 61 -23.60 3.22 13.41
CA GLY D 61 -22.19 3.54 13.32
C GLY D 61 -21.89 5.03 13.31
N MET D 62 -22.62 5.78 12.48
CA MET D 62 -22.29 7.18 12.25
C MET D 62 -22.35 8.05 13.52
N ALA D 63 -22.96 7.56 14.59
CA ALA D 63 -23.10 8.33 15.81
C ALA D 63 -21.76 8.62 16.48
N VAL D 64 -20.67 8.09 15.92
CA VAL D 64 -19.39 8.20 16.61
C VAL D 64 -18.80 9.60 16.48
N HIS D 65 -19.07 10.28 15.36
CA HIS D 65 -18.59 11.65 15.20
C HIS D 65 -19.07 12.52 16.37
N ARG D 66 -20.40 12.63 16.53
CA ARG D 66 -20.98 13.36 17.64
C ARG D 66 -20.36 12.95 18.98
N LEU D 67 -20.33 11.65 19.27
CA LEU D 67 -19.86 11.21 20.58
C LEU D 67 -18.36 11.49 20.78
N SER D 68 -17.58 11.42 19.70
CA SER D 68 -16.21 11.94 19.75
C SER D 68 -16.22 13.44 20.08
N ASP D 69 -17.11 14.19 19.42
CA ASP D 69 -17.18 15.64 19.62
C ASP D 69 -17.36 15.99 21.08
N ILE D 70 -18.26 15.30 21.78
CA ILE D 70 -18.53 15.62 23.18
C ILE D 70 -17.35 15.22 24.06
N ALA D 71 -16.83 14.01 23.83
CA ALA D 71 -15.79 13.47 24.71
C ALA D 71 -14.57 14.36 24.74
N LEU D 72 -14.20 14.91 23.58
CA LEU D 72 -12.96 15.72 23.49
C LEU D 72 -13.18 17.06 24.18
N LYS D 73 -14.38 17.62 24.07
CA LYS D 73 -14.71 18.91 24.71
C LYS D 73 -14.65 18.79 26.24
N ALA D 74 -15.08 17.66 26.78
CA ALA D 74 -15.09 17.45 28.19
C ALA D 74 -13.80 17.57 28.91
N THR D 75 -12.83 16.78 28.53
CA THR D 75 -11.55 16.80 29.19
C THR D 75 -10.36 16.96 28.27
N ASN D 76 -9.18 16.63 28.78
CA ASN D 76 -7.98 16.81 28.01
C ASN D 76 -7.67 15.56 27.24
N VAL D 77 -8.66 14.71 27.06
CA VAL D 77 -8.49 13.41 26.45
C VAL D 77 -8.22 13.57 24.96
N ARG D 78 -7.35 12.70 24.42
CA ARG D 78 -7.06 12.66 23.00
C ARG D 78 -7.91 11.60 22.32
N LEU D 79 -7.98 11.67 21.00
CA LEU D 79 -8.78 10.73 20.22
C LEU D 79 -7.83 9.71 19.61
N GLY D 80 -7.95 8.45 20.04
CA GLY D 80 -7.06 7.41 19.56
C GLY D 80 -7.49 6.75 18.27
N GLU D 81 -8.78 6.45 18.15
CA GLU D 81 -9.28 5.70 17.01
C GLU D 81 -10.74 6.09 16.77
N GLN D 82 -11.16 6.01 15.51
CA GLN D 82 -12.53 6.39 15.16
C GLN D 82 -12.82 5.75 13.81
N VAL D 83 -13.76 4.81 13.79
CA VAL D 83 -14.01 3.92 12.67
C VAL D 83 -15.52 3.71 12.59
N VAL D 84 -16.09 3.96 11.41
CA VAL D 84 -17.53 3.88 11.23
C VAL D 84 -17.82 2.67 10.35
N GLU D 85 -18.18 1.55 10.99
CA GLU D 85 -18.49 0.31 10.29
C GLU D 85 -19.90 0.40 9.69
N ARG D 86 -20.25 -0.61 8.87
CA ARG D 86 -21.54 -0.58 8.19
C ARG D 86 -22.70 -0.64 9.19
N ALA D 87 -22.54 -1.34 10.31
CA ALA D 87 -23.63 -1.52 11.26
C ALA D 87 -23.40 -0.85 12.61
N PHE D 88 -22.17 -0.47 12.91
CA PHE D 88 -21.82 0.04 14.24
C PHE D 88 -20.57 0.88 14.06
N GLY D 89 -20.16 1.53 15.12
CA GLY D 89 -19.00 2.40 15.03
C GLY D 89 -18.20 2.33 16.30
N SER D 90 -16.91 2.61 16.16
CA SER D 90 -16.00 2.42 17.26
C SER D 90 -15.19 3.69 17.45
N MET D 91 -14.96 4.05 18.72
CA MET D 91 -14.10 5.15 19.06
C MET D 91 -13.20 4.74 20.21
N GLU D 92 -12.15 5.51 20.40
CA GLU D 92 -11.11 5.18 21.37
C GLU D 92 -10.53 6.48 21.86
N ILE D 93 -10.68 6.75 23.14
CA ILE D 93 -10.08 7.94 23.73
C ILE D 93 -9.14 7.49 24.83
N HIS D 94 -8.10 8.28 25.06
CA HIS D 94 -7.06 7.88 26.00
C HIS D 94 -6.42 9.12 26.63
N TYR D 95 -5.86 8.94 27.82
CA TYR D 95 -5.18 10.06 28.44
C TYR D 95 -4.26 9.53 29.54
N ARG D 96 -3.15 10.25 29.73
CA ARG D 96 -2.19 9.89 30.78
C ARG D 96 -2.84 9.73 32.14
N ASN D 97 -3.97 10.41 32.37
CA ASN D 97 -4.59 10.40 33.69
C ASN D 97 -5.98 9.80 33.62
N GLN D 98 -6.25 8.93 34.60
CA GLN D 98 -7.48 8.18 34.65
C GLN D 98 -8.70 9.09 34.72
N SER D 99 -8.57 10.21 35.46
CA SER D 99 -9.68 11.12 35.70
C SER D 99 -10.35 11.54 34.40
N ASP D 100 -9.56 12.03 33.45
CA ASP D 100 -10.09 12.62 32.25
C ASP D 100 -10.77 11.59 31.35
N VAL D 101 -10.32 10.34 31.35
CA VAL D 101 -10.97 9.32 30.52
C VAL D 101 -12.34 8.97 31.10
N LEU D 102 -12.38 8.71 32.41
CA LEU D 102 -13.62 8.36 33.09
C LEU D 102 -14.66 9.46 32.92
N ALA D 103 -14.27 10.70 33.12
CA ALA D 103 -15.18 11.82 32.98
C ALA D 103 -15.69 12.02 31.56
N SER D 104 -14.80 11.91 30.58
CA SER D 104 -15.20 12.07 29.21
C SER D 104 -16.07 10.96 28.72
N GLY D 105 -16.03 9.83 29.38
CA GLY D 105 -16.84 8.72 29.01
C GLY D 105 -18.17 8.83 29.65
N GLU D 106 -18.17 9.20 30.93
CA GLU D 106 -19.47 9.49 31.54
C GLU D 106 -20.28 10.46 30.69
N ALA D 107 -19.64 11.49 30.10
CA ALA D 107 -20.37 12.39 29.22
C ALA D 107 -20.95 11.67 28.01
N VAL D 108 -20.19 10.76 27.38
CA VAL D 108 -20.73 9.98 26.28
C VAL D 108 -21.95 9.21 26.75
N LEU D 109 -21.91 8.73 27.99
CA LEU D 109 -23.03 7.89 28.51
C LEU D 109 -24.28 8.74 28.72
N ARG D 110 -24.14 9.92 29.31
CA ARG D 110 -25.31 10.80 29.59
C ARG D 110 -25.94 11.25 28.27
N GLU D 111 -25.13 11.48 27.23
CA GLU D 111 -25.69 11.83 25.91
C GLU D 111 -26.57 10.68 25.39
N ILE D 112 -26.06 9.45 25.37
CA ILE D 112 -26.86 8.37 24.78
C ILE D 112 -27.89 7.82 25.75
N ASN D 113 -27.92 8.29 27.01
CA ASN D 113 -28.86 7.83 28.03
C ASN D 113 -28.72 6.32 28.28
N HIS D 114 -27.48 5.89 28.51
CA HIS D 114 -27.19 4.49 28.83
C HIS D 114 -26.20 4.48 29.99
N ALA D 115 -26.34 3.49 30.87
CA ALA D 115 -25.31 3.20 31.85
C ALA D 115 -24.29 2.24 31.23
N GLN D 116 -23.15 2.10 31.92
CA GLN D 116 -22.14 1.18 31.42
C GLN D 116 -22.69 -0.24 31.35
N GLU D 117 -23.52 -0.61 32.33
CA GLU D 117 -24.16 -1.92 32.34
C GLU D 117 -24.97 -2.19 31.07
N ASP D 118 -25.44 -1.15 30.38
CA ASP D 118 -26.20 -1.34 29.17
C ASP D 118 -25.36 -1.94 28.04
N ARG D 119 -24.05 -2.01 28.19
CA ARG D 119 -23.18 -2.60 27.18
C ARG D 119 -23.44 -4.10 27.00
N LEU D 120 -23.11 -4.60 25.81
CA LEU D 120 -23.39 -5.99 25.47
C LEU D 120 -22.42 -6.94 26.20
N PRO D 121 -22.90 -8.09 26.67
CA PRO D 121 -22.00 -9.09 27.25
C PRO D 121 -20.90 -9.44 26.26
N CYS D 122 -19.71 -9.72 26.78
CA CYS D 122 -18.58 -10.11 25.95
C CYS D 122 -18.59 -11.62 25.82
N ARG D 123 -18.76 -12.12 24.62
CA ARG D 123 -18.74 -13.54 24.43
C ARG D 123 -17.45 -14.02 23.88
N ILE D 124 -17.14 -15.28 24.12
CA ILE D 124 -15.90 -15.85 23.66
C ILE D 124 -16.22 -16.83 22.58
N ALA D 125 -15.74 -16.56 21.40
CA ALA D 125 -16.05 -17.41 20.32
C ALA D 125 -14.93 -18.33 20.09
N TRP D 126 -13.76 -17.95 20.55
CA TRP D 126 -12.64 -18.88 20.46
C TRP D 126 -11.66 -18.58 21.59
N LYS D 127 -11.06 -19.64 22.11
CA LYS D 127 -9.99 -19.53 23.10
C LYS D 127 -9.19 -20.81 22.95
N GLU D 128 -7.93 -20.69 22.54
CA GLU D 128 -7.15 -21.85 22.18
C GLU D 128 -5.68 -21.51 22.40
N ILE D 129 -4.89 -22.50 22.83
CA ILE D 129 -3.44 -22.43 22.70
C ILE D 129 -2.99 -23.48 21.69
N ILE D 130 -2.02 -23.10 20.86
CA ILE D 130 -1.37 -23.98 19.92
C ILE D 130 0.10 -23.94 20.26
N ARG D 131 0.66 -25.08 20.64
CA ARG D 131 2.05 -25.17 21.06
C ARG D 131 2.93 -25.67 19.91
N ALA D 132 4.19 -25.28 19.99
CA ALA D 132 5.19 -25.62 18.97
C ALA D 132 4.71 -25.22 17.58
N ILE D 133 4.57 -23.92 17.36
CA ILE D 133 4.08 -23.43 16.06
C ILE D 133 5.13 -23.70 15.00
N THR D 134 4.70 -24.32 13.91
CA THR D 134 5.57 -24.59 12.80
C THR D 134 6.01 -23.27 12.16
N PRO D 135 7.09 -23.28 11.38
CA PRO D 135 7.53 -22.02 10.76
C PRO D 135 6.55 -21.45 9.76
N ASP D 136 5.95 -22.29 8.91
CA ASP D 136 5.00 -21.79 7.91
C ASP D 136 3.78 -21.18 8.56
N HIS D 137 3.43 -21.65 9.77
CA HIS D 137 2.28 -21.09 10.47
C HIS D 137 2.63 -19.72 11.07
N ALA D 138 3.78 -19.62 11.71
CA ALA D 138 4.21 -18.34 12.26
C ALA D 138 4.39 -17.32 11.14
N THR D 139 4.91 -17.77 10.00
CA THR D 139 5.21 -16.87 8.90
C THR D 139 3.92 -16.30 8.28
N LEU D 140 2.90 -17.13 8.09
CA LEU D 140 1.65 -16.61 7.56
C LEU D 140 0.99 -15.61 8.50
N ILE D 141 1.04 -15.87 9.80
CA ILE D 141 0.52 -14.91 10.78
C ILE D 141 1.34 -13.63 10.77
N ASN D 142 2.66 -13.78 10.65
CA ASN D 142 3.55 -12.62 10.68
C ASN D 142 3.31 -11.68 9.49
N ARG D 143 3.13 -12.24 8.30
CA ARG D 143 3.13 -11.39 7.11
C ARG D 143 1.78 -10.73 6.87
N GLN D 144 0.72 -11.38 7.33
CA GLN D 144 -0.65 -10.87 7.04
C GLN D 144 -1.16 -9.93 8.13
N LEU D 145 -1.10 -8.61 7.91
CA LEU D 145 -1.66 -7.60 8.84
C LEU D 145 -1.19 -7.77 10.29
N ARG D 146 0.07 -8.16 10.51
CA ARG D 146 0.56 -8.22 11.91
C ARG D 146 1.35 -6.93 12.17
N LYS D 147 0.93 -6.18 13.20
CA LYS D 147 1.60 -4.91 13.55
C LYS D 147 2.27 -5.04 14.91
N GLY D 148 2.01 -6.14 15.62
CA GLY D 148 2.68 -6.37 16.89
C GLY D 148 4.06 -6.96 16.71
N SER D 149 4.46 -7.84 17.61
CA SER D 149 5.83 -8.39 17.54
C SER D 149 5.82 -9.68 16.73
N MET D 150 6.99 -10.20 16.34
CA MET D 150 7.03 -11.40 15.46
C MET D 150 6.69 -12.69 16.21
N LEU D 151 5.88 -13.55 15.61
CA LEU D 151 5.60 -14.89 16.20
C LEU D 151 6.72 -15.80 15.72
N LEU D 152 7.44 -16.44 16.64
CA LEU D 152 8.58 -17.30 16.31
C LEU D 152 8.21 -18.78 16.48
N PRO D 153 8.87 -19.69 15.75
CA PRO D 153 8.43 -21.08 15.73
C PRO D 153 8.89 -21.85 16.96
N GLY D 154 8.13 -22.86 17.35
CA GLY D 154 8.45 -23.64 18.53
C GLY D 154 7.72 -23.20 19.76
N LYS D 155 7.23 -21.98 19.74
CA LYS D 155 6.60 -21.43 20.87
C LYS D 155 5.12 -21.66 20.89
N SER D 156 4.47 -21.18 21.92
CA SER D 156 3.07 -21.44 22.05
C SER D 156 2.31 -20.21 21.69
N MET D 157 1.12 -20.40 21.21
CA MET D 157 0.34 -19.30 20.65
C MET D 157 -1.03 -19.31 21.28
N PHE D 158 -1.30 -18.31 22.10
CA PHE D 158 -2.66 -18.06 22.55
C PHE D 158 -3.42 -17.27 21.48
N ILE D 159 -4.61 -17.75 21.11
CA ILE D 159 -5.52 -17.00 20.26
C ILE D 159 -6.88 -16.90 20.96
N LEU D 160 -7.50 -15.72 20.86
CA LEU D 160 -8.80 -15.46 21.48
C LEU D 160 -9.66 -14.66 20.51
N GLU D 161 -10.94 -15.00 20.44
CA GLU D 161 -11.86 -14.30 19.58
C GLU D 161 -13.07 -13.92 20.41
N THR D 162 -13.39 -12.63 20.45
CA THR D 162 -14.53 -12.17 21.21
C THR D 162 -15.57 -11.56 20.29
N GLU D 163 -16.81 -11.54 20.77
CA GLU D 163 -17.90 -10.84 20.06
C GLU D 163 -18.78 -10.20 21.14
N PRO D 164 -18.76 -8.86 21.36
CA PRO D 164 -18.15 -7.86 20.47
C PRO D 164 -16.62 -7.71 20.45
N ALA D 165 -16.10 -7.03 19.44
CA ALA D 165 -14.64 -6.89 19.25
C ALA D 165 -13.96 -5.90 20.21
N GLY D 166 -14.66 -4.87 20.66
CA GLY D 166 -14.03 -3.79 21.42
C GLY D 166 -13.36 -4.25 22.68
N TYR D 167 -13.74 -5.42 23.19
CA TYR D 167 -13.23 -5.95 24.44
C TYR D 167 -11.88 -6.63 24.30
N ILE D 168 -11.57 -7.15 23.11
CA ILE D 168 -10.31 -7.83 22.90
C ILE D 168 -9.16 -6.93 23.32
N VAL D 169 -9.34 -5.62 23.32
CA VAL D 169 -8.24 -4.76 23.71
C VAL D 169 -8.02 -4.84 25.21
N GLN D 170 -9.10 -4.82 26.01
CA GLN D 170 -8.91 -4.96 27.45
C GLN D 170 -8.49 -6.38 27.81
N ALA D 171 -8.93 -7.37 27.05
CA ALA D 171 -8.43 -8.72 27.26
C ALA D 171 -6.94 -8.81 26.92
N ALA D 172 -6.49 -8.06 25.93
CA ALA D 172 -5.05 -8.03 25.64
C ALA D 172 -4.26 -7.32 26.75
N ASN D 173 -4.88 -6.39 27.46
CA ASN D 173 -4.16 -5.65 28.49
C ASN D 173 -3.94 -6.54 29.68
N GLU D 174 -5.04 -7.14 30.14
CA GLU D 174 -4.99 -8.03 31.30
C GLU D 174 -4.11 -9.25 31.03
N ALA D 175 -4.22 -9.86 29.85
CA ALA D 175 -3.38 -11.03 29.51
C ALA D 175 -1.91 -10.69 29.62
N GLU D 176 -1.47 -9.64 28.90
CA GLU D 176 -0.09 -9.16 29.07
C GLU D 176 0.23 -8.89 30.54
N LYS D 177 -0.72 -8.28 31.28
CA LYS D 177 -0.49 -7.90 32.68
C LYS D 177 -0.16 -9.12 33.55
N ALA D 178 -0.77 -10.26 33.26
CA ALA D 178 -0.83 -11.41 34.14
C ALA D 178 0.19 -12.48 33.79
N ALA D 179 0.78 -12.42 32.60
CA ALA D 179 1.65 -13.46 32.08
C ALA D 179 2.91 -12.81 31.51
N HIS D 180 3.94 -13.63 31.30
CA HIS D 180 5.13 -13.20 30.57
C HIS D 180 5.02 -13.76 29.16
N VAL D 181 4.26 -13.03 28.33
CA VAL D 181 3.97 -13.39 26.95
C VAL D 181 4.36 -12.23 26.06
N THR D 182 4.25 -12.43 24.74
CA THR D 182 4.53 -11.41 23.73
C THR D 182 3.28 -11.16 22.90
N LEU D 183 2.95 -9.88 22.69
CA LEU D 183 1.80 -9.50 21.88
C LEU D 183 2.12 -9.52 20.37
N ILE D 184 1.33 -10.25 19.60
CA ILE D 184 1.53 -10.36 18.16
C ILE D 184 0.49 -9.55 17.39
N ASP D 185 -0.74 -9.58 17.83
CA ASP D 185 -1.73 -8.84 17.16
C ASP D 185 -2.99 -8.71 17.89
N VAL D 186 -3.56 -7.53 17.92
CA VAL D 186 -4.88 -7.34 18.44
C VAL D 186 -5.66 -6.53 17.42
N ARG D 187 -6.58 -7.17 16.76
CA ARG D 187 -7.41 -6.54 15.76
C ARG D 187 -8.71 -6.28 16.42
N ALA D 188 -9.03 -5.01 16.57
CA ALA D 188 -10.19 -4.66 17.34
C ALA D 188 -11.36 -4.09 16.64
N PHE D 189 -11.42 -4.28 15.34
CA PHE D 189 -12.58 -3.82 14.59
C PHE D 189 -13.30 -4.98 13.95
N GLY D 190 -14.46 -4.65 13.40
CA GLY D 190 -15.34 -5.66 12.82
C GLY D 190 -16.32 -6.20 13.84
N ASN D 191 -16.95 -7.31 13.50
CA ASN D 191 -17.79 -7.96 14.49
C ASN D 191 -16.95 -8.69 15.53
N PHE D 192 -15.77 -9.19 15.15
CA PHE D 192 -15.00 -10.11 15.97
C PHE D 192 -13.67 -9.51 16.39
N GLY D 193 -13.40 -9.55 17.70
CA GLY D 193 -12.07 -9.25 18.19
C GLY D 193 -11.15 -10.45 18.05
N ARG D 194 -9.89 -10.16 17.76
CA ARG D 194 -8.90 -11.20 17.66
C ARG D 194 -7.63 -10.82 18.34
N LEU D 195 -7.10 -11.74 19.12
CA LEU D 195 -5.85 -11.54 19.83
C LEU D 195 -4.88 -12.65 19.57
N THR D 196 -3.64 -12.30 19.31
CA THR D 196 -2.59 -13.27 19.08
C THR D 196 -1.38 -12.96 19.95
N MET D 197 -0.97 -13.92 20.77
CA MET D 197 0.14 -13.73 21.69
C MET D 197 0.99 -15.00 21.72
N MET D 198 2.28 -14.82 21.94
CA MET D 198 3.28 -15.87 21.92
C MET D 198 3.86 -16.06 23.32
N GLY D 199 4.42 -17.24 23.55
CA GLY D 199 5.09 -17.50 24.81
C GLY D 199 5.28 -18.98 25.03
N SER D 200 5.90 -19.29 26.17
CA SER D 200 5.99 -20.67 26.61
C SER D 200 4.60 -21.22 26.84
N GLU D 201 4.46 -22.54 26.85
CA GLU D 201 3.10 -23.04 27.01
C GLU D 201 2.53 -22.67 28.37
N ALA D 202 3.37 -22.42 29.37
CA ALA D 202 2.86 -22.04 30.68
C ALA D 202 2.37 -20.61 30.69
N GLU D 203 3.16 -19.68 30.14
CA GLU D 203 2.75 -18.29 30.09
C GLU D 203 1.48 -18.10 29.25
N THR D 204 1.37 -18.82 28.13
CA THR D 204 0.16 -18.65 27.32
C THR D 204 -1.08 -19.18 28.03
N GLU D 205 -0.93 -20.16 28.93
CA GLU D 205 -2.08 -20.69 29.66
C GLU D 205 -2.50 -19.72 30.74
N GLU D 206 -1.54 -18.96 31.27
CA GLU D 206 -1.86 -17.91 32.22
C GLU D 206 -2.54 -16.73 31.51
N ALA D 207 -1.95 -16.29 30.39
CA ALA D 207 -2.55 -15.23 29.59
C ALA D 207 -4.00 -15.55 29.19
N MET D 208 -4.26 -16.80 28.83
CA MET D 208 -5.63 -17.19 28.52
C MET D 208 -6.53 -17.20 29.73
N ARG D 209 -5.99 -17.55 30.92
CA ARG D 209 -6.88 -17.62 32.06
C ARG D 209 -7.22 -16.22 32.56
N ALA D 210 -6.26 -15.31 32.53
CA ALA D 210 -6.52 -13.90 32.78
C ALA D 210 -7.57 -13.35 31.81
N ALA D 211 -7.38 -13.59 30.50
CA ALA D 211 -8.38 -13.17 29.51
C ALA D 211 -9.77 -13.69 29.89
N GLU D 212 -9.86 -14.99 30.18
CA GLU D 212 -11.13 -15.60 30.54
C GLU D 212 -11.75 -14.92 31.74
N ALA D 213 -10.92 -14.55 32.70
CA ALA D 213 -11.38 -13.96 33.93
C ALA D 213 -11.83 -12.53 33.69
N THR D 214 -11.07 -11.80 32.86
CA THR D 214 -11.41 -10.43 32.52
C THR D 214 -12.79 -10.36 31.85
N ILE D 215 -13.02 -11.23 30.87
CA ILE D 215 -14.35 -11.27 30.28
C ILE D 215 -15.39 -11.57 31.35
N ALA D 216 -15.14 -12.57 32.20
CA ALA D 216 -16.05 -12.86 33.30
C ALA D 216 -16.32 -11.63 34.14
N SER D 217 -15.25 -10.90 34.50
CA SER D 217 -15.41 -9.69 35.30
C SER D 217 -16.20 -8.63 34.55
N ILE D 218 -16.01 -8.55 33.23
CA ILE D 218 -16.74 -7.59 32.42
C ILE D 218 -18.23 -7.91 32.44
N ASN D 219 -18.61 -9.16 32.17
CA ASN D 219 -20.02 -9.50 32.19
C ASN D 219 -20.59 -9.59 33.60
N ALA D 220 -19.78 -9.47 34.65
CA ALA D 220 -20.33 -9.28 35.97
C ALA D 220 -20.85 -7.86 36.14
N ARG D 221 -20.24 -6.90 35.45
CA ARG D 221 -20.54 -5.47 35.54
C ARG D 221 -20.43 -4.98 36.98
N ASN E 17 -15.21 -29.57 19.84
CA ASN E 17 -14.79 -29.67 18.45
C ASN E 17 -15.99 -29.90 17.52
N ASN E 18 -16.71 -28.83 17.23
CA ASN E 18 -17.90 -28.88 16.40
C ASN E 18 -17.62 -28.03 15.15
N ILE E 19 -17.09 -28.66 14.10
CA ILE E 19 -16.51 -27.94 12.97
C ILE E 19 -17.21 -28.34 11.68
N ASP E 20 -17.82 -27.35 11.02
CA ASP E 20 -18.41 -27.54 9.70
C ASP E 20 -17.31 -27.76 8.66
N LEU E 21 -17.63 -28.50 7.60
CA LEU E 21 -16.73 -28.63 6.46
C LEU E 21 -17.38 -27.93 5.26
N ARG E 22 -16.84 -26.81 4.83
CA ARG E 22 -17.41 -26.03 3.75
C ARG E 22 -16.81 -26.31 2.38
N VAL E 23 -15.48 -26.31 2.26
CA VAL E 23 -14.80 -26.60 1.00
C VAL E 23 -13.73 -27.60 1.21
N TYR E 24 -13.61 -28.56 0.31
CA TYR E 24 -12.49 -29.48 0.31
C TYR E 24 -12.21 -29.65 -1.17
N SER E 25 -11.16 -29.04 -1.65
CA SER E 25 -10.83 -29.12 -3.05
C SER E 25 -9.40 -29.58 -3.21
N PHE E 26 -9.21 -30.74 -3.79
CA PHE E 26 -7.88 -31.25 -4.05
C PHE E 26 -7.45 -31.06 -5.47
N ILE E 27 -6.31 -30.42 -5.65
CA ILE E 27 -5.73 -30.21 -6.97
C ILE E 27 -4.47 -31.05 -7.07
N ASP E 28 -4.46 -32.00 -8.02
CA ASP E 28 -3.39 -33.00 -8.04
C ASP E 28 -2.09 -32.46 -8.60
N SER E 29 -2.16 -31.51 -9.52
CA SER E 29 -0.96 -30.87 -10.05
C SER E 29 -1.36 -29.48 -10.53
N LEU E 30 -0.83 -28.46 -9.87
CA LEU E 30 -1.18 -27.10 -10.20
C LEU E 30 -0.69 -26.77 -11.60
N GLN E 31 -1.60 -26.30 -12.47
CA GLN E 31 -1.23 -25.84 -13.80
C GLN E 31 -0.32 -24.61 -13.69
N PRO E 32 0.48 -24.33 -14.72
CA PRO E 32 1.59 -23.39 -14.54
C PRO E 32 1.17 -21.97 -14.21
N GLN E 33 0.21 -21.41 -14.93
CA GLN E 33 -0.20 -20.02 -14.64
C GLN E 33 -0.88 -19.91 -13.27
N LEU E 34 -1.74 -20.87 -12.93
CA LEU E 34 -2.37 -20.88 -11.62
C LEU E 34 -1.36 -20.97 -10.48
N ALA E 35 -0.38 -21.88 -10.59
CA ALA E 35 0.68 -21.89 -9.59
C ALA E 35 1.40 -20.54 -9.55
N SER E 36 1.60 -19.89 -10.66
CA SER E 36 2.30 -18.65 -10.66
C SER E 36 1.49 -17.49 -10.04
N TYR E 37 0.18 -17.56 -10.08
CA TYR E 37 -0.65 -16.50 -9.52
C TYR E 37 -0.75 -16.62 -8.03
N LEU E 38 -0.86 -17.84 -7.58
CA LEU E 38 -0.88 -18.07 -6.18
C LEU E 38 0.48 -17.64 -5.69
N ALA E 39 1.55 -17.99 -6.35
CA ALA E 39 2.81 -17.53 -5.90
C ALA E 39 3.03 -16.04 -5.82
N THR E 40 2.46 -15.25 -6.72
CA THR E 40 2.59 -13.80 -6.63
C THR E 40 1.84 -13.17 -5.50
N SER E 41 0.74 -13.76 -5.10
CA SER E 41 -0.04 -13.17 -4.06
C SER E 41 -0.19 -14.01 -2.83
N SER E 42 0.55 -15.09 -2.73
CA SER E 42 0.49 -15.86 -1.51
C SER E 42 1.31 -15.22 -0.47
N GLN E 43 0.84 -15.36 0.74
CA GLN E 43 1.57 -14.76 1.85
C GLN E 43 2.19 -15.84 2.76
N GLY E 44 2.26 -17.08 2.27
CA GLY E 44 2.94 -18.17 2.94
C GLY E 44 4.10 -18.70 2.12
N PHE E 45 4.31 -20.02 2.10
CA PHE E 45 5.31 -20.58 1.20
C PHE E 45 4.71 -20.72 -0.20
N LEU E 46 5.47 -20.31 -1.19
CA LEU E 46 4.91 -20.16 -2.53
C LEU E 46 4.88 -21.51 -3.25
N PRO E 47 3.81 -21.81 -3.98
CA PRO E 47 3.79 -23.03 -4.80
C PRO E 47 4.41 -22.80 -6.17
N VAL E 48 5.09 -23.84 -6.63
CA VAL E 48 5.72 -23.81 -7.91
C VAL E 48 4.88 -24.65 -8.81
N PRO E 49 5.09 -24.52 -10.11
CA PRO E 49 4.21 -25.29 -10.93
C PRO E 49 4.42 -26.77 -10.87
N GLY E 50 3.31 -27.49 -10.78
CA GLY E 50 3.38 -28.93 -10.68
C GLY E 50 3.04 -29.42 -9.31
N ASP E 51 3.14 -28.57 -8.34
CA ASP E 51 2.84 -28.93 -6.96
C ASP E 51 1.41 -29.43 -6.82
N ALA E 52 1.19 -30.34 -5.87
CA ALA E 52 -0.17 -30.65 -5.48
C ALA E 52 -0.69 -29.60 -4.51
N CYS E 53 -2.01 -29.54 -4.40
CA CYS E 53 -2.62 -28.42 -3.69
C CYS E 53 -3.95 -28.89 -3.10
N LEU E 54 -4.23 -28.48 -1.86
CA LEU E 54 -5.50 -28.76 -1.21
C LEU E 54 -6.02 -27.48 -0.59
N TRP E 55 -7.20 -27.05 -1.04
CA TRP E 55 -7.90 -25.90 -0.49
C TRP E 55 -8.99 -26.38 0.47
N ILE E 56 -9.05 -25.81 1.67
CA ILE E 56 -10.04 -26.15 2.69
C ILE E 56 -10.72 -24.94 3.33
N GLU E 57 -12.05 -24.93 3.40
CA GLU E 57 -12.76 -23.89 4.10
C GLU E 57 -13.52 -24.52 5.19
N VAL E 58 -13.39 -24.01 6.41
CA VAL E 58 -14.05 -24.58 7.56
C VAL E 58 -14.73 -23.50 8.38
N ALA E 59 -15.77 -23.83 9.14
CA ALA E 59 -16.45 -22.85 10.00
C ALA E 59 -16.71 -23.53 11.34
N PRO E 60 -16.35 -22.90 12.49
CA PRO E 60 -15.79 -21.56 12.69
C PRO E 60 -14.42 -21.37 12.08
N GLY E 61 -14.21 -20.20 11.49
CA GLY E 61 -12.98 -19.99 10.77
C GLY E 61 -11.76 -19.83 11.62
N MET E 62 -11.92 -19.68 12.94
CA MET E 62 -10.75 -19.68 13.78
C MET E 62 -10.08 -21.04 13.79
N ALA E 63 -10.80 -22.09 13.39
CA ALA E 63 -10.28 -23.44 13.51
C ALA E 63 -9.12 -23.72 12.55
N VAL E 64 -8.94 -22.92 11.50
CA VAL E 64 -7.88 -23.19 10.52
C VAL E 64 -6.50 -23.14 11.16
N HIS E 65 -6.39 -22.63 12.35
CA HIS E 65 -5.12 -22.57 12.99
C HIS E 65 -4.64 -23.95 13.40
N ARG E 66 -5.44 -24.68 14.13
CA ARG E 66 -5.08 -26.02 14.50
C ARG E 66 -5.01 -26.87 13.29
N LEU E 67 -5.98 -26.75 12.43
CA LEU E 67 -6.01 -27.57 11.26
C LEU E 67 -4.80 -27.37 10.37
N SER E 68 -4.13 -26.24 10.47
CA SER E 68 -2.89 -26.05 9.73
C SER E 68 -1.70 -26.55 10.52
N ASP E 69 -1.79 -26.52 11.85
CA ASP E 69 -0.77 -27.11 12.67
C ASP E 69 -0.76 -28.62 12.49
N ILE E 70 -1.94 -29.23 12.57
CA ILE E 70 -2.07 -30.66 12.30
C ILE E 70 -1.51 -30.97 10.92
N ALA E 71 -2.04 -30.30 9.89
CA ALA E 71 -1.65 -30.64 8.53
C ALA E 71 -0.15 -30.49 8.35
N LEU E 72 0.43 -29.41 8.87
CA LEU E 72 1.84 -29.17 8.70
C LEU E 72 2.67 -30.19 9.45
N LYS E 73 2.25 -30.51 10.66
CA LYS E 73 3.05 -31.38 11.51
C LYS E 73 2.99 -32.84 11.10
N ALA E 74 2.12 -33.19 10.16
CA ALA E 74 2.00 -34.58 9.75
C ALA E 74 2.86 -34.93 8.55
N THR E 75 3.15 -33.98 7.67
CA THR E 75 3.86 -34.28 6.45
C THR E 75 4.81 -33.14 6.10
N ASN E 76 5.45 -33.28 4.94
CA ASN E 76 6.31 -32.27 4.34
C ASN E 76 5.54 -31.16 3.68
N VAL E 77 4.21 -31.20 3.82
CA VAL E 77 3.38 -30.22 3.19
C VAL E 77 3.76 -28.83 3.69
N ARG E 78 3.49 -27.82 2.88
CA ARG E 78 3.69 -26.42 3.23
C ARG E 78 2.37 -25.64 3.17
N LEU E 79 2.30 -24.58 3.97
CA LEU E 79 1.09 -23.77 4.11
C LEU E 79 1.18 -22.56 3.17
N GLY E 80 0.20 -22.44 2.27
CA GLY E 80 0.27 -21.44 1.24
C GLY E 80 -0.68 -20.29 1.46
N GLU E 81 -1.81 -20.58 2.08
CA GLU E 81 -2.79 -19.57 2.44
C GLU E 81 -3.36 -19.93 3.80
N GLN E 82 -3.79 -18.91 4.53
CA GLN E 82 -4.51 -19.08 5.78
C GLN E 82 -5.14 -17.75 6.17
N VAL E 83 -6.46 -17.73 6.32
CA VAL E 83 -7.18 -16.49 6.58
C VAL E 83 -8.36 -16.81 7.47
N VAL E 84 -8.62 -15.95 8.44
CA VAL E 84 -9.84 -15.99 9.23
C VAL E 84 -10.74 -14.81 8.85
N GLU E 85 -11.98 -15.13 8.45
CA GLU E 85 -13.04 -14.18 8.11
C GLU E 85 -14.14 -14.29 9.16
N ARG E 86 -15.26 -13.59 8.93
CA ARG E 86 -16.31 -13.54 9.95
C ARG E 86 -17.00 -14.90 10.10
N ALA E 87 -17.39 -15.54 9.01
CA ALA E 87 -18.20 -16.75 9.09
C ALA E 87 -17.41 -18.04 8.92
N PHE E 88 -16.21 -17.98 8.35
CA PHE E 88 -15.45 -19.19 8.02
C PHE E 88 -13.98 -18.83 7.88
N GLY E 89 -13.16 -19.85 7.65
CA GLY E 89 -11.75 -19.64 7.38
C GLY E 89 -11.28 -20.53 6.24
N SER E 90 -10.23 -20.06 5.55
CA SER E 90 -9.67 -20.75 4.39
C SER E 90 -8.19 -21.04 4.64
N MET E 91 -7.77 -22.25 4.34
CA MET E 91 -6.35 -22.58 4.32
C MET E 91 -6.04 -23.34 3.05
N GLU E 92 -4.82 -23.22 2.59
CA GLU E 92 -4.37 -24.03 1.46
C GLU E 92 -3.01 -24.63 1.78
N ILE E 93 -2.84 -25.91 1.47
CA ILE E 93 -1.54 -26.58 1.61
C ILE E 93 -1.10 -27.08 0.24
N HIS E 94 0.20 -27.24 0.09
CA HIS E 94 0.72 -27.65 -1.20
C HIS E 94 2.08 -28.31 -0.99
N TYR E 95 2.45 -29.16 -1.97
CA TYR E 95 3.72 -29.89 -1.96
C TYR E 95 4.08 -30.50 -3.29
N ARG E 96 5.36 -30.75 -3.55
CA ARG E 96 5.83 -31.43 -4.74
C ARG E 96 5.15 -32.74 -5.03
N ASN E 97 4.96 -33.56 -4.01
CA ASN E 97 4.34 -34.85 -4.16
C ASN E 97 2.96 -34.89 -3.57
N GLN E 98 2.05 -35.48 -4.31
CA GLN E 98 0.68 -35.57 -3.88
C GLN E 98 0.37 -36.36 -2.64
N SER E 99 1.25 -37.25 -2.23
CA SER E 99 0.99 -38.10 -1.09
C SER E 99 0.91 -37.35 0.20
N ASP E 100 1.76 -36.38 0.35
CA ASP E 100 1.75 -35.59 1.53
C ASP E 100 0.50 -34.73 1.66
N VAL E 101 -0.02 -34.23 0.56
CA VAL E 101 -1.15 -33.32 0.60
C VAL E 101 -2.38 -34.04 0.95
N LEU E 102 -2.53 -35.23 0.42
CA LEU E 102 -3.70 -36.01 0.66
C LEU E 102 -3.70 -36.57 2.03
N ALA E 103 -2.53 -36.91 2.52
CA ALA E 103 -2.41 -37.44 3.84
C ALA E 103 -2.69 -36.42 4.87
N SER E 104 -2.25 -35.21 4.61
CA SER E 104 -2.50 -34.17 5.52
C SER E 104 -3.99 -33.93 5.46
N GLY E 105 -4.58 -33.96 4.29
CA GLY E 105 -6.02 -33.88 4.20
C GLY E 105 -6.74 -34.79 5.18
N GLU E 106 -6.41 -36.09 5.14
CA GLU E 106 -7.09 -37.04 6.01
C GLU E 106 -6.85 -36.72 7.48
N ALA E 107 -5.61 -36.36 7.82
CA ALA E 107 -5.31 -35.90 9.17
C ALA E 107 -6.29 -34.79 9.57
N VAL E 108 -6.46 -33.80 8.68
CA VAL E 108 -7.42 -32.72 8.91
C VAL E 108 -8.83 -33.28 9.01
N LEU E 109 -9.26 -34.03 7.98
CA LEU E 109 -10.63 -34.54 7.91
C LEU E 109 -10.97 -35.37 9.15
N ARG E 110 -10.04 -36.23 9.58
CA ARG E 110 -10.28 -37.02 10.78
C ARG E 110 -10.24 -36.15 12.02
N GLU E 111 -9.43 -35.08 12.02
CA GLU E 111 -9.37 -34.20 13.18
C GLU E 111 -10.68 -33.45 13.42
N ILE E 112 -11.41 -33.12 12.35
CA ILE E 112 -12.73 -32.49 12.48
C ILE E 112 -13.86 -33.50 12.32
N ASN E 113 -13.52 -34.76 12.12
CA ASN E 113 -14.51 -35.80 11.99
C ASN E 113 -15.54 -35.63 10.93
N HIS E 114 -15.11 -35.41 9.72
CA HIS E 114 -16.03 -35.35 8.62
C HIS E 114 -15.35 -36.11 7.54
N ALA E 115 -16.08 -36.42 6.50
CA ALA E 115 -15.48 -37.10 5.40
C ALA E 115 -15.39 -36.17 4.22
N GLN E 116 -14.77 -36.61 3.15
CA GLN E 116 -14.52 -35.69 2.03
C GLN E 116 -15.83 -35.21 1.41
N GLU E 117 -16.90 -35.94 1.57
CA GLU E 117 -18.16 -35.62 0.94
C GLU E 117 -19.04 -34.77 1.78
N ASP E 118 -18.53 -34.33 2.92
CA ASP E 118 -19.33 -33.56 3.81
C ASP E 118 -19.22 -32.14 3.40
N ARG E 119 -18.41 -31.88 2.40
CA ARG E 119 -18.28 -30.56 1.85
C ARG E 119 -19.54 -30.04 1.19
N LEU E 120 -19.78 -28.74 1.27
CA LEU E 120 -20.92 -28.16 0.60
C LEU E 120 -20.86 -28.40 -0.90
N PRO E 121 -22.00 -28.48 -1.58
CA PRO E 121 -21.99 -28.42 -3.03
C PRO E 121 -21.46 -27.06 -3.49
N CYS E 122 -21.03 -27.00 -4.77
CA CYS E 122 -20.46 -25.79 -5.38
C CYS E 122 -21.42 -25.22 -6.42
N ARG E 123 -22.17 -24.18 -6.03
CA ARG E 123 -23.17 -23.62 -6.93
C ARG E 123 -22.54 -22.56 -7.84
N ILE E 124 -22.80 -22.68 -9.14
CA ILE E 124 -22.28 -21.76 -10.14
C ILE E 124 -23.22 -20.56 -10.21
N ALA E 125 -22.78 -19.43 -9.66
CA ALA E 125 -23.62 -18.24 -9.59
C ALA E 125 -23.60 -17.43 -10.87
N TRP E 126 -22.55 -17.57 -11.67
CA TRP E 126 -22.44 -16.81 -12.90
C TRP E 126 -21.40 -17.51 -13.78
N LYS E 127 -21.68 -17.56 -15.09
CA LYS E 127 -20.71 -18.08 -16.04
C LYS E 127 -21.02 -17.50 -17.41
N GLU E 128 -20.01 -16.94 -18.05
CA GLU E 128 -20.21 -16.12 -19.23
C GLU E 128 -18.89 -16.04 -19.99
N ILE E 129 -18.97 -16.05 -21.32
CA ILE E 129 -17.89 -15.56 -22.17
C ILE E 129 -18.37 -14.28 -22.82
N ILE E 130 -17.61 -13.21 -22.63
CA ILE E 130 -17.89 -11.93 -23.28
C ILE E 130 -16.86 -11.77 -24.40
N ARG E 131 -17.34 -11.62 -25.64
CA ARG E 131 -16.43 -11.55 -26.80
C ARG E 131 -15.99 -10.10 -27.07
N ALA E 132 -14.83 -9.93 -27.72
CA ALA E 132 -14.33 -8.59 -28.12
C ALA E 132 -14.31 -7.59 -26.97
N ILE E 133 -13.62 -7.93 -25.88
CA ILE E 133 -13.48 -6.99 -24.74
C ILE E 133 -12.93 -5.65 -25.23
N THR E 134 -13.59 -4.54 -24.86
CA THR E 134 -13.13 -3.20 -25.21
C THR E 134 -11.89 -2.82 -24.41
N PRO E 135 -11.14 -1.82 -24.87
CA PRO E 135 -9.97 -1.37 -24.10
C PRO E 135 -10.30 -0.82 -22.74
N ASP E 136 -11.34 0.01 -22.66
CA ASP E 136 -11.81 0.53 -21.37
C ASP E 136 -12.08 -0.60 -20.38
N HIS E 137 -12.87 -1.60 -20.81
CA HIS E 137 -13.25 -2.71 -19.94
C HIS E 137 -12.04 -3.55 -19.57
N ALA E 138 -11.14 -3.76 -20.53
CA ALA E 138 -9.89 -4.45 -20.26
C ALA E 138 -9.04 -3.65 -19.27
N THR E 139 -8.97 -2.34 -19.45
CA THR E 139 -8.11 -1.53 -18.60
C THR E 139 -8.57 -1.57 -17.15
N LEU E 140 -9.87 -1.39 -16.90
CA LEU E 140 -10.36 -1.33 -15.53
C LEU E 140 -10.24 -2.68 -14.83
N ILE E 141 -10.38 -3.78 -15.56
CA ILE E 141 -10.11 -5.07 -14.93
C ILE E 141 -8.64 -5.16 -14.55
N ASN E 142 -7.78 -4.63 -15.41
CA ASN E 142 -6.33 -4.69 -15.18
C ASN E 142 -5.89 -3.85 -13.99
N ARG E 143 -6.66 -2.83 -13.62
CA ARG E 143 -6.25 -1.92 -12.57
C ARG E 143 -6.70 -2.26 -11.21
N GLN E 144 -7.63 -3.16 -11.11
CA GLN E 144 -8.20 -3.47 -9.83
C GLN E 144 -7.87 -4.83 -9.30
N LEU E 145 -6.86 -4.90 -8.44
CA LEU E 145 -6.48 -6.13 -7.79
C LEU E 145 -6.11 -7.22 -8.75
N ARG E 146 -5.51 -6.82 -9.86
CA ARG E 146 -5.14 -7.80 -10.91
C ARG E 146 -3.71 -8.25 -10.68
N LYS E 147 -3.51 -9.54 -10.42
CA LYS E 147 -2.17 -10.03 -10.12
C LYS E 147 -1.76 -11.17 -11.04
N GLY E 148 -2.57 -11.49 -12.04
CA GLY E 148 -2.18 -12.38 -13.12
C GLY E 148 -1.63 -11.56 -14.27
N SER E 149 -1.89 -12.04 -15.48
CA SER E 149 -1.46 -11.36 -16.69
C SER E 149 -2.49 -10.33 -17.17
N MET E 150 -2.04 -9.43 -18.03
CA MET E 150 -2.91 -8.39 -18.60
C MET E 150 -4.03 -8.98 -19.44
N LEU E 151 -5.25 -8.55 -19.15
CA LEU E 151 -6.36 -8.77 -20.08
C LEU E 151 -6.19 -7.82 -21.27
N LEU E 152 -6.33 -8.35 -22.49
CA LEU E 152 -6.02 -7.57 -23.67
C LEU E 152 -7.25 -7.36 -24.55
N PRO E 153 -7.43 -6.17 -25.10
CA PRO E 153 -8.68 -5.87 -25.83
C PRO E 153 -8.76 -6.59 -27.17
N GLY E 154 -9.99 -6.99 -27.52
CA GLY E 154 -10.27 -7.80 -28.68
C GLY E 154 -10.36 -9.29 -28.39
N LYS E 155 -9.62 -9.78 -27.40
CA LYS E 155 -9.71 -11.18 -27.04
C LYS E 155 -11.02 -11.45 -26.30
N SER E 156 -11.37 -12.72 -26.18
CA SER E 156 -12.56 -13.07 -25.42
C SER E 156 -12.21 -13.21 -23.93
N MET E 157 -13.25 -13.12 -23.09
CA MET E 157 -13.09 -13.17 -21.65
C MET E 157 -14.05 -14.20 -21.06
N PHE E 158 -13.50 -15.20 -20.38
CA PHE E 158 -14.29 -16.11 -19.54
C PHE E 158 -14.36 -15.54 -18.12
N ILE E 159 -15.58 -15.45 -17.57
CA ILE E 159 -15.76 -15.08 -16.17
C ILE E 159 -16.62 -16.13 -15.46
N LEU E 160 -16.21 -16.48 -14.24
CA LEU E 160 -16.87 -17.53 -13.47
C LEU E 160 -17.00 -17.09 -12.03
N GLU E 161 -18.19 -17.28 -11.45
CA GLU E 161 -18.43 -16.95 -10.05
C GLU E 161 -19.04 -18.16 -9.35
N THR E 162 -18.36 -18.65 -8.32
CA THR E 162 -18.86 -19.79 -7.55
C THR E 162 -19.03 -19.41 -6.09
N GLU E 163 -19.87 -20.19 -5.40
CA GLU E 163 -20.08 -20.12 -3.95
C GLU E 163 -20.11 -21.53 -3.40
N PRO E 164 -19.21 -21.88 -2.47
CA PRO E 164 -18.15 -21.06 -1.85
C PRO E 164 -16.98 -20.73 -2.79
N ALA E 165 -15.99 -19.97 -2.29
CA ALA E 165 -14.95 -19.43 -3.16
C ALA E 165 -13.86 -20.44 -3.50
N GLY E 166 -13.52 -21.35 -2.58
CA GLY E 166 -12.33 -22.19 -2.72
C GLY E 166 -12.33 -23.06 -3.96
N TYR E 167 -13.48 -23.27 -4.58
CA TYR E 167 -13.56 -24.18 -5.72
C TYR E 167 -13.07 -23.52 -7.00
N ILE E 168 -13.15 -22.21 -7.07
CA ILE E 168 -12.68 -21.43 -8.20
C ILE E 168 -11.21 -21.74 -8.52
N VAL E 169 -10.51 -22.38 -7.60
CA VAL E 169 -9.11 -22.70 -7.80
C VAL E 169 -8.94 -23.96 -8.57
N GLN E 170 -9.83 -24.90 -8.40
CA GLN E 170 -9.79 -26.12 -9.16
C GLN E 170 -10.43 -25.87 -10.49
N ALA E 171 -11.44 -25.04 -10.51
CA ALA E 171 -12.03 -24.67 -11.74
C ALA E 171 -11.00 -23.92 -12.53
N ALA E 172 -10.32 -22.97 -11.90
CA ALA E 172 -9.24 -22.32 -12.65
C ALA E 172 -8.15 -23.29 -13.07
N ASN E 173 -7.87 -24.31 -12.25
CA ASN E 173 -6.83 -25.26 -12.61
C ASN E 173 -7.26 -26.05 -13.83
N GLU E 174 -8.42 -26.64 -13.77
CA GLU E 174 -8.88 -27.43 -14.88
C GLU E 174 -9.08 -26.67 -16.16
N ALA E 175 -9.49 -25.43 -16.07
CA ALA E 175 -9.74 -24.64 -17.24
C ALA E 175 -8.48 -24.19 -17.85
N GLU E 176 -7.37 -24.32 -17.16
CA GLU E 176 -6.09 -24.03 -17.77
C GLU E 176 -5.56 -25.32 -18.36
N LYS E 177 -5.85 -26.43 -17.70
CA LYS E 177 -5.44 -27.70 -18.29
C LYS E 177 -6.00 -27.87 -19.69
N ALA E 178 -7.33 -27.87 -19.81
CA ALA E 178 -7.99 -28.27 -21.05
C ALA E 178 -7.87 -27.24 -22.17
N ALA E 179 -7.59 -25.98 -21.85
CA ALA E 179 -7.68 -24.91 -22.83
C ALA E 179 -6.38 -24.10 -22.87
N HIS E 180 -6.15 -23.47 -24.02
CA HIS E 180 -4.98 -22.62 -24.20
C HIS E 180 -5.30 -21.16 -23.86
N VAL E 181 -5.72 -20.97 -22.61
CA VAL E 181 -6.18 -19.64 -22.19
C VAL E 181 -5.13 -18.94 -21.35
N THR E 182 -5.41 -17.69 -20.98
CA THR E 182 -4.54 -16.92 -20.11
C THR E 182 -5.27 -16.62 -18.81
N LEU E 183 -4.59 -16.79 -17.68
CA LEU E 183 -5.17 -16.47 -16.37
C LEU E 183 -4.91 -15.01 -16.03
N ILE E 184 -5.96 -14.23 -15.79
CA ILE E 184 -5.87 -12.82 -15.44
C ILE E 184 -6.10 -12.62 -13.97
N ASP E 185 -7.01 -13.39 -13.39
CA ASP E 185 -7.36 -13.26 -12.01
C ASP E 185 -8.16 -14.39 -11.40
N VAL E 186 -7.95 -14.65 -10.11
CA VAL E 186 -8.73 -15.66 -9.38
C VAL E 186 -8.86 -15.26 -7.90
N ARG E 187 -9.99 -14.66 -7.52
CA ARG E 187 -10.23 -14.23 -6.15
C ARG E 187 -10.81 -15.42 -5.39
N ALA E 188 -9.99 -16.10 -4.58
CA ALA E 188 -10.36 -17.36 -3.96
C ALA E 188 -10.76 -17.22 -2.49
N PHE E 189 -11.14 -16.02 -2.04
CA PHE E 189 -11.48 -15.77 -0.65
C PHE E 189 -12.79 -15.00 -0.56
N GLY E 190 -13.53 -15.27 0.52
CA GLY E 190 -14.81 -14.65 0.77
C GLY E 190 -15.97 -15.61 0.58
N ASN E 191 -17.14 -15.04 0.31
CA ASN E 191 -18.31 -15.85 0.04
C ASN E 191 -18.28 -16.39 -1.38
N PHE E 192 -17.83 -15.59 -2.34
CA PHE E 192 -17.91 -15.91 -3.75
C PHE E 192 -16.52 -15.92 -4.37
N GLY E 193 -16.25 -16.97 -5.16
CA GLY E 193 -15.03 -17.04 -5.93
C GLY E 193 -15.24 -16.51 -7.34
N ARG E 194 -14.28 -15.72 -7.82
CA ARG E 194 -14.37 -15.07 -9.11
C ARG E 194 -13.11 -15.39 -9.91
N LEU E 195 -13.28 -15.62 -11.22
CA LEU E 195 -12.22 -16.11 -12.09
C LEU E 195 -12.32 -15.43 -13.45
N THR E 196 -11.21 -14.86 -13.91
CA THR E 196 -11.17 -14.14 -15.18
C THR E 196 -10.10 -14.74 -16.08
N MET E 197 -10.54 -15.36 -17.17
CA MET E 197 -9.62 -15.97 -18.08
C MET E 197 -9.77 -15.37 -19.46
N MET E 198 -8.72 -15.39 -20.24
CA MET E 198 -8.71 -14.81 -21.58
C MET E 198 -8.33 -15.79 -22.65
N GLY E 199 -8.85 -15.62 -23.84
CA GLY E 199 -8.45 -16.44 -24.97
C GLY E 199 -9.24 -16.04 -26.19
N SER E 200 -9.10 -16.82 -27.24
CA SER E 200 -9.98 -16.64 -28.37
C SER E 200 -11.37 -17.16 -28.01
N GLU E 201 -12.31 -17.02 -28.93
CA GLU E 201 -13.64 -17.56 -28.70
C GLU E 201 -13.61 -19.08 -28.53
N ALA E 202 -12.60 -19.75 -29.09
CA ALA E 202 -12.55 -21.20 -28.96
C ALA E 202 -11.92 -21.62 -27.63
N GLU E 203 -10.87 -20.93 -27.21
CA GLU E 203 -10.16 -21.31 -26.01
C GLU E 203 -10.99 -21.05 -24.76
N THR E 204 -11.79 -19.98 -24.76
CA THR E 204 -12.58 -19.68 -23.56
C THR E 204 -13.74 -20.64 -23.41
N GLU E 205 -14.37 -21.05 -24.51
CA GLU E 205 -15.48 -22.00 -24.39
C GLU E 205 -14.97 -23.37 -23.94
N GLU E 206 -13.82 -23.79 -24.44
CA GLU E 206 -13.22 -25.01 -23.93
C GLU E 206 -12.98 -24.88 -22.43
N ALA E 207 -12.27 -23.83 -22.01
CA ALA E 207 -12.02 -23.58 -20.59
C ALA E 207 -13.30 -23.64 -19.79
N MET E 208 -14.32 -22.90 -20.23
CA MET E 208 -15.60 -22.98 -19.56
C MET E 208 -16.14 -24.41 -19.53
N ARG E 209 -15.96 -25.17 -20.62
CA ARG E 209 -16.38 -26.58 -20.64
C ARG E 209 -15.67 -27.39 -19.57
N ALA E 210 -14.35 -27.24 -19.47
CA ALA E 210 -13.61 -27.80 -18.34
C ALA E 210 -14.18 -27.33 -17.01
N ALA E 211 -14.54 -26.05 -16.92
CA ALA E 211 -15.00 -25.49 -15.64
C ALA E 211 -16.32 -26.13 -15.22
N GLU E 212 -17.27 -26.23 -16.14
CA GLU E 212 -18.53 -26.86 -15.79
C GLU E 212 -18.31 -28.31 -15.41
N ALA E 213 -17.54 -29.03 -16.23
CA ALA E 213 -17.14 -30.39 -15.93
C ALA E 213 -16.67 -30.52 -14.49
N THR E 214 -15.60 -29.81 -14.12
CA THR E 214 -14.99 -30.05 -12.82
C THR E 214 -15.97 -29.78 -11.68
N ILE E 215 -16.78 -28.74 -11.80
CA ILE E 215 -17.78 -28.45 -10.77
C ILE E 215 -18.78 -29.59 -10.67
N ALA E 216 -19.21 -30.13 -11.82
CA ALA E 216 -20.18 -31.22 -11.83
C ALA E 216 -19.74 -32.36 -10.95
N SER E 217 -18.45 -32.72 -11.04
CA SER E 217 -17.92 -33.76 -10.18
C SER E 217 -17.96 -33.32 -8.71
N ILE E 218 -17.42 -32.14 -8.41
CA ILE E 218 -17.44 -31.60 -7.05
C ILE E 218 -18.83 -31.66 -6.44
N ASN E 219 -19.87 -31.47 -7.26
CA ASN E 219 -21.27 -31.42 -6.74
C ASN E 219 -21.77 -32.82 -6.43
N ALA E 220 -21.11 -33.86 -6.98
CA ALA E 220 -21.47 -35.24 -6.61
C ALA E 220 -20.98 -35.51 -5.18
N ARG E 221 -20.12 -34.64 -4.64
CA ARG E 221 -19.63 -34.75 -3.23
C ARG E 221 -18.84 -36.04 -3.06
N ASN F 18 -32.52 -11.22 -16.52
CA ASN F 18 -32.95 -11.63 -15.19
C ASN F 18 -32.31 -10.79 -14.06
N ILE F 19 -32.03 -9.52 -14.35
CA ILE F 19 -31.23 -8.65 -13.47
C ILE F 19 -32.12 -7.59 -12.83
N ASP F 20 -31.91 -7.35 -11.54
CA ASP F 20 -32.59 -6.28 -10.84
C ASP F 20 -31.78 -5.00 -10.91
N LEU F 21 -32.47 -3.87 -11.09
CA LEU F 21 -31.83 -2.57 -11.27
C LEU F 21 -31.85 -1.82 -9.94
N ARG F 22 -30.68 -1.73 -9.29
CA ARG F 22 -30.58 -1.12 -7.95
C ARG F 22 -30.49 0.39 -8.04
N VAL F 23 -29.45 0.89 -8.69
CA VAL F 23 -29.19 2.32 -8.80
C VAL F 23 -29.12 2.71 -10.27
N TYR F 24 -29.90 3.72 -10.64
CA TYR F 24 -29.68 4.47 -11.87
C TYR F 24 -29.58 5.92 -11.44
N SER F 25 -28.47 6.57 -11.77
CA SER F 25 -28.22 7.96 -11.38
C SER F 25 -27.48 8.68 -12.50
N PHE F 26 -28.05 9.77 -13.00
CA PHE F 26 -27.52 10.49 -14.13
C PHE F 26 -27.12 11.89 -13.71
N ILE F 27 -25.95 12.33 -14.16
CA ILE F 27 -25.43 13.65 -13.81
C ILE F 27 -25.05 14.34 -15.11
N ASP F 28 -25.81 15.39 -15.47
CA ASP F 28 -25.62 16.03 -16.77
C ASP F 28 -24.29 16.75 -16.87
N SER F 29 -23.79 17.33 -15.77
CA SER F 29 -22.55 18.10 -15.83
C SER F 29 -21.88 18.08 -14.46
N LEU F 30 -20.75 17.39 -14.35
CA LEU F 30 -20.04 17.23 -13.08
C LEU F 30 -19.51 18.56 -12.56
N GLN F 31 -19.94 18.93 -11.35
CA GLN F 31 -19.36 20.02 -10.57
C GLN F 31 -17.85 19.88 -10.49
N PRO F 32 -17.08 20.97 -10.48
CA PRO F 32 -15.61 20.82 -10.58
C PRO F 32 -15.02 19.93 -9.50
N GLN F 33 -15.28 20.22 -8.20
CA GLN F 33 -14.64 19.47 -7.11
C GLN F 33 -15.04 18.01 -7.11
N LEU F 34 -16.25 17.68 -7.54
CA LEU F 34 -16.60 16.25 -7.66
C LEU F 34 -15.81 15.58 -8.77
N ALA F 35 -15.75 16.21 -9.95
CA ALA F 35 -14.97 15.64 -11.03
C ALA F 35 -13.51 15.46 -10.63
N SER F 36 -12.95 16.42 -9.88
CA SER F 36 -11.55 16.30 -9.51
C SER F 36 -11.35 15.20 -8.48
N TYR F 37 -12.36 14.90 -7.68
CA TYR F 37 -12.26 13.87 -6.66
C TYR F 37 -12.38 12.47 -7.25
N LEU F 38 -13.38 12.23 -8.10
CA LEU F 38 -13.40 10.95 -8.82
C LEU F 38 -12.18 10.81 -9.71
N ALA F 39 -11.70 11.91 -10.29
CA ALA F 39 -10.51 11.79 -11.13
C ALA F 39 -9.30 11.40 -10.30
N THR F 40 -9.26 11.81 -9.02
CA THR F 40 -8.11 11.48 -8.18
C THR F 40 -8.28 10.17 -7.43
N SER F 41 -9.45 9.56 -7.46
CA SER F 41 -9.70 8.36 -6.68
C SER F 41 -10.21 7.20 -7.51
N SER F 42 -10.51 7.40 -8.78
CA SER F 42 -11.07 6.32 -9.59
C SER F 42 -9.96 5.49 -10.21
N GLN F 43 -10.23 4.21 -10.39
CA GLN F 43 -9.25 3.29 -10.97
C GLN F 43 -9.58 3.03 -12.41
N GLY F 44 -10.25 3.97 -13.03
CA GLY F 44 -10.53 3.86 -14.41
C GLY F 44 -10.18 5.10 -15.15
N PHE F 45 -10.97 5.38 -16.16
CA PHE F 45 -10.72 6.53 -16.97
C PHE F 45 -11.25 7.70 -16.24
N LEU F 46 -10.58 8.82 -16.39
CA LEU F 46 -10.91 9.92 -15.56
C LEU F 46 -11.71 11.08 -16.08
N PRO F 47 -12.58 11.58 -15.23
CA PRO F 47 -13.41 12.67 -15.69
C PRO F 47 -12.86 14.05 -15.49
N VAL F 48 -13.36 15.03 -16.24
CA VAL F 48 -12.99 16.41 -15.96
C VAL F 48 -14.29 17.16 -15.67
N PRO F 49 -14.21 18.37 -15.10
CA PRO F 49 -15.45 19.12 -14.83
C PRO F 49 -16.24 19.38 -16.12
N GLY F 50 -17.56 19.45 -15.97
CA GLY F 50 -18.43 19.59 -17.10
C GLY F 50 -18.75 18.30 -17.81
N ASP F 51 -18.07 17.21 -17.46
CA ASP F 51 -18.39 15.90 -18.04
C ASP F 51 -19.80 15.50 -17.62
N ALA F 52 -20.46 14.74 -18.50
CA ALA F 52 -21.67 14.04 -18.10
C ALA F 52 -21.30 12.67 -17.53
N CYS F 53 -22.10 12.21 -16.59
CA CYS F 53 -21.72 11.03 -15.84
C CYS F 53 -22.96 10.17 -15.63
N LEU F 54 -22.73 8.88 -15.38
CA LEU F 54 -23.82 7.95 -15.15
C LEU F 54 -23.37 6.85 -14.21
N TRP F 55 -24.20 6.53 -13.22
CA TRP F 55 -23.90 5.53 -12.21
C TRP F 55 -24.98 4.46 -12.24
N ILE F 56 -24.55 3.19 -12.26
CA ILE F 56 -25.45 2.05 -12.29
C ILE F 56 -25.02 1.04 -11.22
N GLU F 57 -26.00 0.42 -10.55
CA GLU F 57 -25.78 -0.73 -9.69
C GLU F 57 -26.84 -1.78 -10.03
N VAL F 58 -26.40 -2.95 -10.46
CA VAL F 58 -27.36 -4.02 -10.74
C VAL F 58 -27.05 -5.21 -9.86
N ALA F 59 -28.04 -6.08 -9.71
CA ALA F 59 -27.90 -7.38 -9.04
C ALA F 59 -28.50 -8.46 -9.92
N PRO F 60 -27.76 -9.57 -10.20
CA PRO F 60 -26.48 -10.01 -9.65
C PRO F 60 -25.29 -9.09 -9.94
N GLY F 61 -24.24 -9.24 -9.15
CA GLY F 61 -23.13 -8.32 -9.26
C GLY F 61 -22.34 -8.49 -10.53
N MET F 62 -22.18 -9.74 -10.99
CA MET F 62 -21.35 -10.04 -12.16
C MET F 62 -21.98 -9.59 -13.46
N ALA F 63 -23.18 -9.03 -13.40
CA ALA F 63 -23.83 -8.50 -14.59
C ALA F 63 -23.12 -7.26 -15.14
N VAL F 64 -22.27 -6.62 -14.33
CA VAL F 64 -21.70 -5.33 -14.73
C VAL F 64 -20.76 -5.49 -15.92
N HIS F 65 -20.14 -6.65 -16.09
CA HIS F 65 -19.23 -6.84 -17.22
C HIS F 65 -19.98 -6.76 -18.56
N ARG F 66 -20.94 -7.66 -18.77
CA ARG F 66 -21.77 -7.62 -19.98
C ARG F 66 -22.30 -6.22 -20.25
N LEU F 67 -22.83 -5.56 -19.21
CA LEU F 67 -23.41 -4.23 -19.36
C LEU F 67 -22.35 -3.19 -19.72
N SER F 68 -21.18 -3.28 -19.09
CA SER F 68 -20.10 -2.38 -19.47
C SER F 68 -19.64 -2.63 -20.90
N ASP F 69 -19.67 -3.88 -21.36
CA ASP F 69 -19.40 -4.14 -22.77
C ASP F 69 -20.48 -3.47 -23.64
N ILE F 70 -21.74 -3.69 -23.30
CA ILE F 70 -22.84 -3.13 -24.07
C ILE F 70 -22.72 -1.61 -24.15
N ALA F 71 -22.47 -0.98 -23.00
CA ALA F 71 -22.48 0.48 -22.94
C ALA F 71 -21.24 1.09 -23.60
N LEU F 72 -20.09 0.45 -23.41
CA LEU F 72 -18.86 1.01 -23.97
C LEU F 72 -18.86 0.96 -25.49
N LYS F 73 -19.46 -0.09 -26.06
CA LYS F 73 -19.50 -0.26 -27.50
C LYS F 73 -20.48 0.69 -28.17
N ALA F 74 -21.59 1.02 -27.50
CA ALA F 74 -22.66 1.79 -28.11
C ALA F 74 -22.28 3.24 -28.44
N THR F 75 -21.27 3.80 -27.80
CA THR F 75 -20.96 5.21 -27.98
C THR F 75 -19.46 5.39 -27.80
N ASN F 76 -19.04 6.66 -27.66
CA ASN F 76 -17.68 7.07 -27.35
C ASN F 76 -17.43 7.18 -25.84
N VAL F 77 -18.43 6.85 -25.02
CA VAL F 77 -18.32 6.98 -23.58
C VAL F 77 -17.15 6.15 -23.03
N ARG F 78 -16.58 6.62 -21.91
CA ARG F 78 -15.48 5.97 -21.20
C ARG F 78 -15.99 5.31 -19.93
N LEU F 79 -15.16 4.42 -19.37
CA LEU F 79 -15.50 3.63 -18.18
C LEU F 79 -14.66 4.10 -17.00
N GLY F 80 -15.32 4.71 -16.00
CA GLY F 80 -14.64 5.25 -14.84
C GLY F 80 -14.52 4.29 -13.68
N GLU F 81 -15.54 3.44 -13.45
CA GLU F 81 -15.47 2.48 -12.36
C GLU F 81 -16.22 1.23 -12.75
N GLN F 82 -15.74 0.11 -12.23
CA GLN F 82 -16.40 -1.18 -12.37
C GLN F 82 -15.98 -2.00 -11.16
N VAL F 83 -16.94 -2.35 -10.30
CA VAL F 83 -16.65 -3.13 -9.11
C VAL F 83 -17.75 -4.17 -8.97
N VAL F 84 -17.38 -5.42 -8.81
CA VAL F 84 -18.32 -6.49 -8.47
C VAL F 84 -18.17 -6.74 -6.98
N GLU F 85 -19.21 -6.40 -6.22
CA GLU F 85 -19.24 -6.56 -4.77
C GLU F 85 -20.04 -7.82 -4.42
N ARG F 86 -20.17 -8.08 -3.12
CA ARG F 86 -20.89 -9.28 -2.70
C ARG F 86 -22.33 -9.25 -3.19
N ALA F 87 -23.12 -8.27 -2.71
CA ALA F 87 -24.55 -8.27 -3.00
C ALA F 87 -24.88 -7.81 -4.42
N PHE F 88 -24.05 -6.92 -4.99
CA PHE F 88 -24.41 -6.24 -6.24
C PHE F 88 -23.11 -5.78 -6.90
N GLY F 89 -23.24 -5.01 -8.00
CA GLY F 89 -22.09 -4.53 -8.74
C GLY F 89 -22.29 -3.12 -9.24
N SER F 90 -21.26 -2.28 -9.14
CA SER F 90 -21.31 -0.87 -9.48
C SER F 90 -20.55 -0.60 -10.77
N MET F 91 -21.05 0.37 -11.54
CA MET F 91 -20.38 0.77 -12.77
C MET F 91 -20.68 2.23 -13.06
N GLU F 92 -19.73 2.90 -13.70
CA GLU F 92 -19.84 4.34 -13.91
C GLU F 92 -19.25 4.69 -15.26
N ILE F 93 -20.06 5.26 -16.13
CA ILE F 93 -19.61 5.70 -17.44
C ILE F 93 -19.68 7.22 -17.45
N HIS F 94 -18.96 7.83 -18.40
CA HIS F 94 -18.88 9.28 -18.42
C HIS F 94 -18.30 9.72 -19.75
N TYR F 95 -18.68 10.92 -20.18
CA TYR F 95 -18.28 11.49 -21.48
C TYR F 95 -18.41 13.00 -21.43
N ARG F 96 -17.73 13.67 -22.38
CA ARG F 96 -17.80 15.12 -22.45
C ARG F 96 -19.14 15.62 -22.98
N ASN F 97 -19.99 14.73 -23.52
CA ASN F 97 -21.27 15.13 -24.08
C ASN F 97 -22.40 14.34 -23.41
N GLN F 98 -23.45 15.05 -22.99
CA GLN F 98 -24.61 14.40 -22.33
C GLN F 98 -25.16 13.29 -23.24
N SER F 99 -25.05 13.47 -24.55
CA SER F 99 -25.69 12.50 -25.50
C SER F 99 -25.14 11.08 -25.36
N ASP F 100 -23.82 10.92 -25.31
CA ASP F 100 -23.26 9.56 -25.31
C ASP F 100 -23.59 8.87 -24.00
N VAL F 101 -23.66 9.63 -22.91
CA VAL F 101 -23.96 9.07 -21.60
C VAL F 101 -25.39 8.55 -21.58
N LEU F 102 -26.34 9.38 -22.02
CA LEU F 102 -27.74 8.97 -22.04
C LEU F 102 -27.97 7.83 -23.02
N ALA F 103 -27.30 7.88 -24.18
CA ALA F 103 -27.48 6.85 -25.21
C ALA F 103 -27.05 5.48 -24.70
N SER F 104 -25.90 5.43 -24.02
CA SER F 104 -25.38 4.18 -23.46
C SER F 104 -26.22 3.68 -22.28
N GLY F 105 -26.74 4.58 -21.45
CA GLY F 105 -27.57 4.14 -20.35
C GLY F 105 -28.88 3.53 -20.82
N GLU F 106 -29.44 4.07 -21.90
CA GLU F 106 -30.67 3.51 -22.46
C GLU F 106 -30.44 2.12 -23.04
N ALA F 107 -29.27 1.92 -23.66
CA ALA F 107 -28.91 0.58 -24.15
C ALA F 107 -28.82 -0.41 -23.00
N VAL F 108 -28.25 0.00 -21.88
CA VAL F 108 -28.16 -0.90 -20.74
C VAL F 108 -29.55 -1.21 -20.19
N LEU F 109 -30.43 -0.21 -20.18
CA LEU F 109 -31.81 -0.45 -19.77
C LEU F 109 -32.51 -1.46 -20.67
N ARG F 110 -32.38 -1.28 -21.99
CA ARG F 110 -33.00 -2.22 -22.93
C ARG F 110 -32.54 -3.64 -22.64
N GLU F 111 -31.25 -3.81 -22.34
CA GLU F 111 -30.68 -5.14 -22.20
C GLU F 111 -31.18 -5.85 -20.93
N ILE F 112 -31.30 -5.10 -19.83
CA ILE F 112 -31.77 -5.69 -18.53
C ILE F 112 -33.29 -5.70 -18.53
N ASN F 113 -33.93 -5.20 -19.60
CA ASN F 113 -35.42 -5.17 -19.72
C ASN F 113 -36.06 -4.40 -18.57
N HIS F 114 -35.51 -3.23 -18.23
CA HIS F 114 -36.07 -2.39 -17.13
C HIS F 114 -36.09 -0.91 -17.53
N ALA F 115 -37.10 -0.13 -17.11
CA ALA F 115 -37.05 1.31 -17.31
C ALA F 115 -36.22 1.95 -16.19
N GLN F 116 -35.91 3.24 -16.38
CA GLN F 116 -35.03 3.92 -15.44
C GLN F 116 -35.63 3.98 -14.04
N GLU F 117 -36.95 3.96 -13.95
CA GLU F 117 -37.66 4.12 -12.68
C GLU F 117 -37.91 2.79 -11.98
N ASP F 118 -37.37 1.69 -12.51
CA ASP F 118 -37.39 0.40 -11.80
C ASP F 118 -36.34 0.33 -10.70
N ARG F 119 -35.47 1.35 -10.61
CA ARG F 119 -34.47 1.43 -9.57
C ARG F 119 -35.10 1.48 -8.20
N LEU F 120 -34.28 1.19 -7.18
CA LEU F 120 -34.59 1.26 -5.76
C LEU F 120 -34.62 2.71 -5.29
N PRO F 121 -35.42 3.02 -4.27
CA PRO F 121 -35.37 4.36 -3.69
C PRO F 121 -34.09 4.55 -2.90
N CYS F 122 -33.74 5.82 -2.73
CA CYS F 122 -32.53 6.22 -2.02
C CYS F 122 -32.90 6.58 -0.57
N ARG F 123 -32.53 5.72 0.37
CA ARG F 123 -32.89 5.89 1.78
C ARG F 123 -31.81 6.66 2.52
N ILE F 124 -32.16 7.86 3.02
CA ILE F 124 -31.26 8.61 3.88
C ILE F 124 -31.15 7.90 5.23
N ALA F 125 -29.93 7.45 5.57
CA ALA F 125 -29.65 6.75 6.83
C ALA F 125 -28.81 7.56 7.80
N TRP F 126 -28.38 8.74 7.40
CA TRP F 126 -27.72 9.66 8.30
C TRP F 126 -27.57 11.01 7.66
N LYS F 127 -27.90 12.07 8.38
CA LYS F 127 -27.68 13.40 7.90
C LYS F 127 -27.38 14.16 9.15
N GLU F 128 -26.35 14.98 9.15
CA GLU F 128 -25.93 15.70 10.34
C GLU F 128 -24.89 16.72 10.05
N ILE F 129 -25.01 17.89 10.66
CA ILE F 129 -24.02 18.94 10.53
C ILE F 129 -23.43 19.21 11.90
N ILE F 130 -22.11 19.12 11.99
CA ILE F 130 -21.38 19.28 13.24
C ILE F 130 -20.54 20.55 13.10
N ARG F 131 -20.96 21.62 13.77
CA ARG F 131 -20.23 22.87 13.70
C ARG F 131 -19.05 22.86 14.68
N ALA F 132 -18.05 23.68 14.34
CA ALA F 132 -16.80 23.76 15.11
C ALA F 132 -16.19 22.38 15.31
N ILE F 133 -15.83 21.77 14.17
CA ILE F 133 -15.15 20.48 14.19
C ILE F 133 -13.89 20.57 15.04
N THR F 134 -13.71 19.63 15.98
CA THR F 134 -12.50 19.61 16.79
C THR F 134 -11.28 19.30 15.92
N PRO F 135 -10.09 19.77 16.30
CA PRO F 135 -8.90 19.42 15.52
C PRO F 135 -8.59 17.92 15.56
N ASP F 136 -8.82 17.28 16.71
CA ASP F 136 -8.68 15.84 16.80
C ASP F 136 -9.63 15.15 15.83
N HIS F 137 -10.90 15.56 15.87
CA HIS F 137 -11.90 14.99 14.97
C HIS F 137 -11.54 15.23 13.51
N ALA F 138 -11.08 16.43 13.17
CA ALA F 138 -10.64 16.69 11.80
C ALA F 138 -9.41 15.87 11.46
N THR F 139 -8.53 15.67 12.43
CA THR F 139 -7.32 14.91 12.16
C THR F 139 -7.62 13.43 11.90
N LEU F 140 -8.55 12.85 12.66
CA LEU F 140 -8.92 11.46 12.43
C LEU F 140 -9.52 11.28 11.04
N ILE F 141 -10.43 12.18 10.64
CA ILE F 141 -11.09 12.00 9.36
C ILE F 141 -10.09 12.13 8.22
N ASN F 142 -9.15 13.06 8.34
CA ASN F 142 -8.17 13.24 7.27
C ASN F 142 -7.26 12.02 7.13
N ARG F 143 -6.90 11.38 8.24
CA ARG F 143 -5.96 10.27 8.19
C ARG F 143 -6.56 9.02 7.62
N GLN F 144 -7.82 8.83 7.84
CA GLN F 144 -8.46 7.63 7.39
C GLN F 144 -8.85 7.63 5.94
N LEU F 145 -7.89 7.44 5.06
CA LEU F 145 -8.17 7.33 3.63
C LEU F 145 -9.11 8.30 2.87
N ARG F 146 -8.87 9.60 2.99
CA ARG F 146 -9.65 10.55 2.20
C ARG F 146 -8.78 10.98 1.06
N LYS F 147 -9.38 11.06 -0.10
CA LYS F 147 -8.64 11.38 -1.26
C LYS F 147 -8.93 12.81 -1.66
N GLY F 148 -9.81 13.45 -0.93
CA GLY F 148 -10.20 14.79 -1.24
C GLY F 148 -9.43 15.92 -0.65
N SER F 149 -10.16 16.87 -0.16
CA SER F 149 -9.52 17.98 0.43
C SER F 149 -9.53 17.81 1.92
N MET F 150 -8.62 18.47 2.62
CA MET F 150 -8.51 18.21 4.07
C MET F 150 -9.63 18.88 4.85
N LEU F 151 -10.18 18.18 5.85
CA LEU F 151 -11.18 18.80 6.73
C LEU F 151 -10.40 19.70 7.68
N LEU F 152 -10.67 20.99 7.64
CA LEU F 152 -9.91 21.90 8.49
C LEU F 152 -10.59 22.09 9.84
N PRO F 153 -9.87 22.23 10.99
CA PRO F 153 -10.54 22.47 12.26
C PRO F 153 -11.22 23.83 12.41
N GLY F 154 -12.31 23.88 13.18
CA GLY F 154 -13.03 25.15 13.44
C GLY F 154 -14.10 25.39 12.41
N LYS F 155 -14.16 24.57 11.36
CA LYS F 155 -15.15 24.77 10.28
C LYS F 155 -16.28 23.77 10.50
N SER F 156 -17.36 23.88 9.73
CA SER F 156 -18.47 22.97 9.99
C SER F 156 -18.46 21.81 9.01
N MET F 157 -18.89 20.65 9.49
CA MET F 157 -18.92 19.43 8.72
C MET F 157 -20.36 19.06 8.47
N PHE F 158 -20.64 18.63 7.25
CA PHE F 158 -21.88 17.98 6.90
C PHE F 158 -21.50 16.56 6.48
N ILE F 159 -22.12 15.57 7.12
CA ILE F 159 -21.99 14.18 6.69
C ILE F 159 -23.37 13.65 6.35
N LEU F 160 -23.44 12.88 5.28
CA LEU F 160 -24.67 12.28 4.83
C LEU F 160 -24.37 10.85 4.45
N GLU F 161 -25.37 9.98 4.58
CA GLU F 161 -25.19 8.58 4.26
C GLU F 161 -26.48 8.04 3.69
N THR F 162 -26.39 7.36 2.54
CA THR F 162 -27.56 6.87 1.84
C THR F 162 -27.42 5.37 1.58
N GLU F 163 -28.56 4.73 1.36
CA GLU F 163 -28.62 3.34 0.93
C GLU F 163 -29.63 3.24 -0.21
N PRO F 164 -29.22 2.84 -1.42
CA PRO F 164 -27.90 2.38 -1.87
C PRO F 164 -26.82 3.45 -1.96
N ALA F 165 -25.57 3.04 -2.16
CA ALA F 165 -24.46 4.00 -2.14
C ALA F 165 -24.45 4.87 -3.39
N GLY F 166 -24.62 4.27 -4.57
CA GLY F 166 -24.32 4.95 -5.82
C GLY F 166 -24.96 6.32 -5.97
N TYR F 167 -26.11 6.54 -5.33
CA TYR F 167 -26.74 7.85 -5.46
C TYR F 167 -25.89 8.96 -4.87
N ILE F 168 -24.98 8.63 -3.94
CA ILE F 168 -24.26 9.66 -3.20
C ILE F 168 -23.53 10.60 -4.14
N VAL F 169 -23.06 10.07 -5.27
CA VAL F 169 -22.31 10.88 -6.22
C VAL F 169 -23.18 12.00 -6.77
N GLN F 170 -24.45 11.70 -7.06
CA GLN F 170 -25.36 12.75 -7.57
C GLN F 170 -25.73 13.74 -6.47
N ALA F 171 -25.93 13.25 -5.24
CA ALA F 171 -26.18 14.15 -4.11
C ALA F 171 -24.97 15.05 -3.87
N ALA F 172 -23.76 14.48 -3.88
CA ALA F 172 -22.54 15.28 -3.84
C ALA F 172 -22.52 16.33 -4.93
N ASN F 173 -23.16 16.07 -6.07
CA ASN F 173 -23.05 16.96 -7.22
C ASN F 173 -23.99 18.15 -7.08
N GLU F 174 -25.27 17.89 -6.79
CA GLU F 174 -26.19 19.01 -6.61
C GLU F 174 -25.88 19.81 -5.35
N ALA F 175 -25.20 19.19 -4.37
CA ALA F 175 -24.82 19.91 -3.15
C ALA F 175 -23.74 20.94 -3.42
N GLU F 176 -22.77 20.61 -4.29
CA GLU F 176 -21.75 21.56 -4.69
C GLU F 176 -22.35 22.62 -5.62
N LYS F 177 -23.24 22.19 -6.50
CA LYS F 177 -23.99 23.13 -7.33
C LYS F 177 -24.63 24.21 -6.48
N ALA F 178 -25.28 23.83 -5.39
CA ALA F 178 -26.11 24.75 -4.61
C ALA F 178 -25.35 25.51 -3.53
N ALA F 179 -24.23 25.00 -3.04
CA ALA F 179 -23.59 25.58 -1.86
C ALA F 179 -22.09 25.73 -2.05
N HIS F 180 -21.50 26.73 -1.40
CA HIS F 180 -20.07 27.03 -1.53
C HIS F 180 -19.27 26.26 -0.49
N VAL F 181 -19.34 24.94 -0.59
CA VAL F 181 -18.71 24.05 0.38
C VAL F 181 -17.42 23.48 -0.22
N THR F 182 -16.67 22.76 0.61
CA THR F 182 -15.51 22.00 0.18
C THR F 182 -15.85 20.52 0.30
N LEU F 183 -15.70 19.78 -0.81
CA LEU F 183 -15.81 18.34 -0.74
C LEU F 183 -14.62 17.80 0.02
N ILE F 184 -14.89 16.77 0.83
CA ILE F 184 -13.88 16.11 1.63
C ILE F 184 -13.83 14.62 1.32
N ASP F 185 -14.98 14.00 1.09
CA ASP F 185 -14.97 12.55 0.90
C ASP F 185 -16.28 12.01 0.32
N VAL F 186 -16.18 11.20 -0.75
CA VAL F 186 -17.32 10.49 -1.34
C VAL F 186 -16.99 9.01 -1.46
N ARG F 187 -17.93 8.16 -1.08
CA ARG F 187 -17.70 6.71 -1.05
C ARG F 187 -18.90 6.03 -1.68
N ALA F 188 -18.74 5.53 -2.91
CA ALA F 188 -19.88 5.15 -3.74
C ALA F 188 -20.02 3.64 -3.92
N PHE F 189 -19.27 2.85 -3.17
CA PHE F 189 -19.31 1.41 -3.28
C PHE F 189 -19.69 0.78 -1.95
N GLY F 190 -20.18 -0.45 -2.02
CA GLY F 190 -20.70 -1.10 -0.85
C GLY F 190 -22.16 -0.77 -0.65
N ASN F 191 -22.65 -1.13 0.54
CA ASN F 191 -24.08 -1.01 0.80
C ASN F 191 -24.50 0.43 1.02
N PHE F 192 -23.72 1.19 1.79
CA PHE F 192 -24.07 2.54 2.21
C PHE F 192 -23.07 3.55 1.68
N GLY F 193 -23.57 4.59 0.98
CA GLY F 193 -22.73 5.67 0.51
C GLY F 193 -22.57 6.78 1.52
N ARG F 194 -21.46 7.51 1.42
CA ARG F 194 -21.06 8.50 2.42
C ARG F 194 -20.56 9.77 1.73
N LEU F 195 -21.10 10.92 2.13
CA LEU F 195 -20.66 12.23 1.66
C LEU F 195 -20.13 13.04 2.83
N THR F 196 -19.01 13.75 2.63
CA THR F 196 -18.43 14.57 3.69
C THR F 196 -18.06 15.94 3.14
N MET F 197 -18.65 17.00 3.70
CA MET F 197 -18.42 18.34 3.20
C MET F 197 -18.11 19.29 4.33
N MET F 198 -17.47 20.40 3.95
CA MET F 198 -16.95 21.36 4.89
C MET F 198 -17.32 22.75 4.44
N GLY F 199 -17.65 23.60 5.42
CA GLY F 199 -17.85 24.99 5.12
C GLY F 199 -18.32 25.73 6.35
N SER F 200 -18.86 26.93 6.13
CA SER F 200 -19.56 27.61 7.21
C SER F 200 -20.93 26.98 7.43
N GLU F 201 -21.54 27.35 8.55
CA GLU F 201 -22.85 26.81 8.88
C GLU F 201 -23.87 27.12 7.79
N ALA F 202 -23.92 28.38 7.33
CA ALA F 202 -24.84 28.71 6.25
C ALA F 202 -24.51 27.92 4.99
N GLU F 203 -23.23 27.66 4.73
CA GLU F 203 -22.82 26.91 3.54
C GLU F 203 -23.20 25.44 3.66
N THR F 204 -22.90 24.82 4.80
CA THR F 204 -23.18 23.39 4.97
C THR F 204 -24.69 23.14 5.09
N GLU F 205 -25.42 24.04 5.75
CA GLU F 205 -26.86 23.90 5.82
C GLU F 205 -27.50 23.92 4.43
N GLU F 206 -27.06 24.85 3.58
CA GLU F 206 -27.64 24.93 2.23
C GLU F 206 -27.31 23.69 1.41
N ALA F 207 -26.16 23.10 1.60
CA ALA F 207 -25.86 21.87 0.90
C ALA F 207 -26.66 20.68 1.36
N MET F 208 -26.94 20.60 2.64
CA MET F 208 -27.72 19.51 3.16
C MET F 208 -29.11 19.64 2.65
N ARG F 209 -29.56 20.85 2.45
CA ARG F 209 -30.88 21.08 1.95
C ARG F 209 -30.97 20.67 0.51
N ALA F 210 -30.01 21.08 -0.28
CA ALA F 210 -29.97 20.62 -1.67
C ALA F 210 -29.90 19.10 -1.74
N ALA F 211 -28.97 18.49 -1.00
CA ALA F 211 -28.82 17.03 -1.03
C ALA F 211 -30.13 16.33 -0.68
N GLU F 212 -30.79 16.79 0.38
CA GLU F 212 -32.11 16.29 0.72
C GLU F 212 -33.05 16.39 -0.46
N ALA F 213 -33.03 17.56 -1.13
CA ALA F 213 -33.96 17.82 -2.22
C ALA F 213 -33.70 16.87 -3.40
N THR F 214 -32.42 16.62 -3.70
CA THR F 214 -32.10 15.70 -4.80
C THR F 214 -32.66 14.31 -4.52
N ILE F 215 -32.56 13.86 -3.26
CA ILE F 215 -32.95 12.50 -2.95
C ILE F 215 -34.45 12.36 -3.06
N ALA F 216 -35.19 13.37 -2.58
CA ALA F 216 -36.63 13.41 -2.84
C ALA F 216 -36.94 13.38 -4.34
N SER F 217 -36.21 14.17 -5.14
CA SER F 217 -36.36 14.13 -6.59
C SER F 217 -36.20 12.71 -7.12
N ILE F 218 -35.13 12.04 -6.72
CA ILE F 218 -34.88 10.67 -7.16
C ILE F 218 -36.04 9.77 -6.77
N ASN F 219 -36.47 9.86 -5.51
CA ASN F 219 -37.51 8.96 -5.01
C ASN F 219 -38.86 9.16 -5.68
N ALA F 220 -39.04 10.24 -6.45
CA ALA F 220 -40.20 10.35 -7.34
C ALA F 220 -40.09 9.42 -8.54
N ARG F 221 -38.87 8.99 -8.88
CA ARG F 221 -38.56 8.13 -10.03
C ARG F 221 -39.15 8.72 -11.31
#